data_3GAD
#
_entry.id   3GAD
#
_cell.length_a   93.880
_cell.length_b   98.940
_cell.length_c   108.580
_cell.angle_alpha   90.000
_cell.angle_beta   90.000
_cell.angle_gamma   90.000
#
_symmetry.space_group_name_H-M   'P 21 21 21'
#
loop_
_entity.id
_entity.type
_entity.pdbx_description
1 polymer 'Macrophage migration inhibitory factor-like protein'
2 non-polymer 'SULFATE ION'
3 non-polymer 'ACETIC ACID'
4 water water
#
_entity_poly.entity_id   1
_entity_poly.type   'polypeptide(L)'
_entity_poly.pdbx_seq_one_letter_code
;PCCELITNISIPDDKAQNALSEIEDAISNVLGKPVAYIMSNYDYQKNLRFSGSNEGYCFVRLTSIGGINRSNNSSLADKI
TKILSNHLGVKPRRVYIEFRDCSAQNFAFSGSLFGLE
;
_entity_poly.pdbx_strand_id   A,B,C,D,E,F
#
loop_
_chem_comp.id
_chem_comp.type
_chem_comp.name
_chem_comp.formula
ACY non-polymer 'ACETIC ACID' 'C2 H4 O2'
SO4 non-polymer 'SULFATE ION' 'O4 S -2'
#
# COMPACT_ATOMS: atom_id res chain seq x y z
N PRO A 1 -33.69 2.21 -5.00
CA PRO A 1 -32.83 1.03 -5.17
C PRO A 1 -31.36 1.41 -5.14
N CYS A 2 -30.52 0.44 -4.82
CA CYS A 2 -29.07 0.65 -4.83
C CYS A 2 -28.42 -0.44 -5.66
N CYS A 3 -27.53 -0.03 -6.55
CA CYS A 3 -26.85 -0.99 -7.41
C CYS A 3 -25.35 -0.79 -7.30
N GLU A 4 -24.72 -1.71 -6.58
CA GLU A 4 -23.28 -1.70 -6.38
C GLU A 4 -22.61 -2.66 -7.36
N LEU A 5 -21.82 -2.11 -8.28
CA LEU A 5 -21.02 -2.92 -9.19
C LEU A 5 -19.61 -2.97 -8.65
N ILE A 6 -19.07 -4.17 -8.53
CA ILE A 6 -17.70 -4.39 -8.09
C ILE A 6 -16.99 -5.20 -9.15
N THR A 7 -15.90 -4.68 -9.68
CA THR A 7 -15.27 -5.29 -10.85
C THR A 7 -13.77 -5.09 -10.86
N ASN A 8 -13.04 -6.05 -11.44
CA ASN A 8 -11.61 -5.91 -11.65
C ASN A 8 -11.27 -5.39 -13.05
N ILE A 9 -12.28 -4.86 -13.74
CA ILE A 9 -12.06 -4.27 -15.06
C ILE A 9 -12.01 -2.76 -14.89
N SER A 10 -10.90 -2.16 -15.33
N SER A 10 -10.91 -2.14 -15.35
CA SER A 10 -10.76 -0.70 -15.29
CA SER A 10 -10.78 -0.70 -15.23
C SER A 10 -11.22 -0.07 -16.58
C SER A 10 -11.14 0.00 -16.55
N ILE A 11 -12.04 0.97 -16.46
CA ILE A 11 -12.43 1.80 -17.61
C ILE A 11 -12.44 3.26 -17.13
N PRO A 12 -12.27 4.23 -18.05
CA PRO A 12 -12.30 5.65 -17.69
C PRO A 12 -13.63 6.07 -17.07
N ASP A 13 -13.57 7.12 -16.24
CA ASP A 13 -14.75 7.61 -15.51
C ASP A 13 -15.97 7.89 -16.37
N ASP A 14 -15.77 8.46 -17.56
CA ASP A 14 -16.91 8.77 -18.41
C ASP A 14 -17.60 7.49 -18.85
N LYS A 15 -16.80 6.46 -19.15
CA LYS A 15 -17.34 5.18 -19.59
C LYS A 15 -17.98 4.42 -18.44
N ALA A 16 -17.38 4.54 -17.25
CA ALA A 16 -17.96 3.94 -16.04
C ALA A 16 -19.36 4.51 -15.81
N GLN A 17 -19.48 5.83 -15.87
CA GLN A 17 -20.77 6.48 -15.60
C GLN A 17 -21.80 6.18 -16.67
N ASN A 18 -21.35 6.03 -17.92
CA ASN A 18 -22.26 5.60 -18.99
C ASN A 18 -22.86 4.22 -18.70
N ALA A 19 -22.01 3.26 -18.33
CA ALA A 19 -22.49 1.92 -17.97
C ALA A 19 -23.51 2.03 -16.83
N LEU A 20 -23.17 2.79 -15.79
CA LEU A 20 -24.07 3.02 -14.67
C LEU A 20 -25.40 3.63 -15.09
N SER A 21 -25.35 4.63 -15.97
N SER A 21 -25.35 4.63 -15.98
N SER A 21 -25.36 4.62 -15.99
CA SER A 21 -26.57 5.28 -16.49
CA SER A 21 -26.55 5.28 -16.50
CA SER A 21 -26.57 5.28 -16.48
C SER A 21 -27.50 4.26 -17.15
C SER A 21 -27.49 4.28 -17.18
C SER A 21 -27.50 4.31 -17.22
N GLU A 22 -26.91 3.35 -17.93
CA GLU A 22 -27.69 2.30 -18.61
C GLU A 22 -28.31 1.31 -17.63
N ILE A 23 -27.55 0.97 -16.60
CA ILE A 23 -28.03 0.11 -15.52
C ILE A 23 -29.18 0.80 -14.77
N GLU A 24 -29.00 2.10 -14.50
CA GLU A 24 -30.04 2.89 -13.85
C GLU A 24 -31.34 2.88 -14.65
N ASP A 25 -31.21 3.08 -15.97
N ASP A 25 -31.23 3.06 -15.98
CA ASP A 25 -32.35 3.04 -16.87
CA ASP A 25 -32.40 3.05 -16.86
C ASP A 25 -33.11 1.71 -16.76
C ASP A 25 -33.12 1.70 -16.84
N ALA A 26 -32.37 0.61 -16.85
CA ALA A 26 -32.93 -0.74 -16.76
C ALA A 26 -33.64 -0.93 -15.41
N ILE A 27 -33.00 -0.49 -14.33
CA ILE A 27 -33.60 -0.60 -12.99
C ILE A 27 -34.90 0.22 -12.92
N SER A 28 -34.85 1.45 -13.42
CA SER A 28 -36.03 2.32 -13.44
C SER A 28 -37.21 1.66 -14.15
N ASN A 29 -36.91 1.08 -15.32
CA ASN A 29 -37.93 0.40 -16.13
CA ASN A 29 -37.92 0.41 -16.14
C ASN A 29 -38.54 -0.81 -15.44
N VAL A 30 -37.70 -1.76 -15.05
CA VAL A 30 -38.15 -3.04 -14.48
C VAL A 30 -38.85 -2.87 -13.13
N LEU A 31 -38.27 -2.06 -12.24
CA LEU A 31 -38.81 -1.92 -10.89
C LEU A 31 -39.91 -0.85 -10.79
N GLY A 32 -40.11 -0.12 -11.88
CA GLY A 32 -41.09 0.98 -11.92
C GLY A 32 -40.78 2.08 -10.92
N LYS A 33 -39.49 2.38 -10.76
CA LYS A 33 -39.04 3.37 -9.79
C LYS A 33 -38.33 4.48 -10.53
N PRO A 34 -38.60 5.74 -10.18
CA PRO A 34 -37.94 6.84 -10.89
C PRO A 34 -36.45 6.86 -10.57
N VAL A 35 -35.67 7.42 -11.49
CA VAL A 35 -34.21 7.58 -11.31
C VAL A 35 -33.88 8.33 -10.00
N ALA A 36 -34.77 9.23 -9.58
CA ALA A 36 -34.65 9.97 -8.30
C ALA A 36 -34.36 9.08 -7.09
N TYR A 37 -34.74 7.80 -7.19
CA TYR A 37 -34.61 6.88 -6.08
C TYR A 37 -33.43 5.92 -6.24
N ILE A 38 -32.69 6.06 -7.35
CA ILE A 38 -31.67 5.06 -7.69
C ILE A 38 -30.24 5.50 -7.40
N MET A 39 -29.54 4.70 -6.60
CA MET A 39 -28.11 4.87 -6.38
C MET A 39 -27.37 3.81 -7.18
N SER A 40 -26.25 4.20 -7.76
CA SER A 40 -25.40 3.21 -8.45
C SER A 40 -23.94 3.55 -8.25
N ASN A 41 -23.10 2.52 -8.38
CA ASN A 41 -21.67 2.72 -8.22
C ASN A 41 -20.87 1.73 -9.03
N TYR A 42 -19.71 2.18 -9.46
CA TYR A 42 -18.71 1.36 -10.17
C TYR A 42 -17.47 1.34 -9.29
N ASP A 43 -17.21 0.18 -8.65
CA ASP A 43 -16.12 0.06 -7.68
C ASP A 43 -15.02 -0.82 -8.26
N TYR A 44 -13.95 -0.18 -8.74
CA TYR A 44 -12.83 -0.89 -9.31
C TYR A 44 -11.99 -1.54 -8.22
N GLN A 45 -11.95 -2.87 -8.26
CA GLN A 45 -11.28 -3.68 -7.25
C GLN A 45 -10.35 -4.65 -7.99
N LYS A 46 -9.10 -4.23 -8.11
CA LYS A 46 -8.13 -4.90 -8.99
C LYS A 46 -7.81 -6.33 -8.58
N ASN A 47 -7.99 -6.64 -7.29
CA ASN A 47 -7.69 -7.97 -6.77
C ASN A 47 -8.89 -8.90 -6.65
N LEU A 48 -10.03 -8.46 -7.18
CA LEU A 48 -11.26 -9.26 -7.21
C LEU A 48 -11.07 -10.57 -7.97
N ARG A 49 -11.52 -11.68 -7.37
CA ARG A 49 -11.33 -13.01 -7.93
C ARG A 49 -12.65 -13.76 -8.05
N PHE A 50 -12.76 -14.56 -9.10
CA PHE A 50 -13.90 -15.46 -9.25
C PHE A 50 -13.43 -16.76 -9.87
N SER A 51 -14.01 -17.87 -9.39
N SER A 51 -14.03 -17.87 -9.41
CA SER A 51 -13.68 -19.22 -9.88
CA SER A 51 -13.67 -19.22 -9.84
C SER A 51 -12.17 -19.53 -9.82
C SER A 51 -12.15 -19.39 -9.91
N GLY A 52 -11.49 -18.89 -8.87
CA GLY A 52 -10.06 -19.13 -8.64
C GLY A 52 -9.11 -18.32 -9.50
N SER A 53 -9.63 -17.29 -10.16
CA SER A 53 -8.76 -16.46 -11.00
C SER A 53 -9.10 -14.99 -10.96
N ASN A 54 -8.11 -14.18 -11.34
CA ASN A 54 -8.22 -12.73 -11.36
C ASN A 54 -8.61 -12.23 -12.77
N GLU A 55 -9.12 -13.13 -13.61
N GLU A 55 -9.12 -13.14 -13.60
CA GLU A 55 -9.60 -12.76 -14.94
CA GLU A 55 -9.66 -12.79 -14.91
C GLU A 55 -10.87 -11.90 -14.85
C GLU A 55 -10.81 -11.80 -14.78
N GLY A 56 -11.06 -11.04 -15.85
CA GLY A 56 -12.17 -10.05 -15.87
C GLY A 56 -13.49 -10.58 -15.34
N TYR A 57 -14.05 -9.87 -14.37
CA TYR A 57 -15.22 -10.33 -13.63
C TYR A 57 -16.00 -9.17 -13.02
N CYS A 58 -17.32 -9.35 -12.96
CA CYS A 58 -18.22 -8.35 -12.37
C CYS A 58 -19.13 -8.98 -11.34
N PHE A 59 -19.17 -8.37 -10.16
CA PHE A 59 -20.18 -8.71 -9.17
C PHE A 59 -21.13 -7.53 -9.01
N VAL A 60 -22.43 -7.82 -8.96
CA VAL A 60 -23.43 -6.76 -8.76
C VAL A 60 -24.29 -7.09 -7.56
N ARG A 61 -24.43 -6.12 -6.65
CA ARG A 61 -25.38 -6.25 -5.55
C ARG A 61 -26.50 -5.22 -5.71
N LEU A 62 -27.71 -5.71 -5.97
N LEU A 62 -27.72 -5.72 -5.94
CA LEU A 62 -28.87 -4.85 -6.13
CA LEU A 62 -28.88 -4.86 -6.15
C LEU A 62 -29.81 -4.95 -4.95
C LEU A 62 -29.83 -4.95 -4.95
N THR A 63 -29.96 -3.83 -4.23
CA THR A 63 -30.82 -3.76 -3.06
C THR A 63 -32.04 -2.91 -3.35
N SER A 64 -33.22 -3.44 -3.02
CA SER A 64 -34.45 -2.70 -3.25
C SER A 64 -35.42 -2.88 -2.10
N ILE A 65 -36.23 -1.87 -1.84
CA ILE A 65 -37.34 -1.99 -0.90
C ILE A 65 -38.48 -2.52 -1.73
N GLY A 66 -38.72 -3.82 -1.63
CA GLY A 66 -39.68 -4.49 -2.51
C GLY A 66 -39.18 -4.61 -3.94
N GLY A 67 -39.94 -5.29 -4.79
CA GLY A 67 -39.56 -5.48 -6.18
C GLY A 67 -38.54 -6.60 -6.39
N ILE A 68 -38.17 -7.27 -5.30
CA ILE A 68 -37.31 -8.45 -5.37
C ILE A 68 -38.20 -9.68 -5.50
N ASN A 69 -38.20 -10.25 -6.70
CA ASN A 69 -39.07 -11.39 -7.03
C ASN A 69 -38.54 -12.08 -8.28
N ARG A 70 -39.10 -13.23 -8.64
CA ARG A 70 -38.59 -13.99 -9.77
C ARG A 70 -38.55 -13.18 -11.07
N SER A 71 -39.68 -12.59 -11.44
CA SER A 71 -39.81 -11.90 -12.72
C SER A 71 -38.83 -10.73 -12.86
N ASN A 72 -38.86 -9.84 -11.87
CA ASN A 72 -37.97 -8.68 -11.83
C ASN A 72 -36.48 -9.08 -11.77
N ASN A 73 -36.14 -10.03 -10.90
CA ASN A 73 -34.76 -10.51 -10.77
C ASN A 73 -34.28 -11.09 -12.11
N SER A 74 -35.12 -11.91 -12.74
CA SER A 74 -34.78 -12.54 -14.01
C SER A 74 -34.54 -11.50 -15.10
N SER A 75 -35.44 -10.53 -15.18
CA SER A 75 -35.37 -9.49 -16.21
C SER A 75 -34.12 -8.64 -16.03
N LEU A 76 -33.89 -8.17 -14.79
CA LEU A 76 -32.71 -7.36 -14.48
C LEU A 76 -31.40 -8.13 -14.63
N ALA A 77 -31.41 -9.42 -14.25
CA ALA A 77 -30.23 -10.27 -14.43
C ALA A 77 -29.82 -10.29 -15.90
N ASP A 78 -30.83 -10.42 -16.76
CA ASP A 78 -30.58 -10.45 -18.20
C ASP A 78 -30.07 -9.11 -18.71
N LYS A 79 -30.76 -8.03 -18.31
CA LYS A 79 -30.44 -6.70 -18.81
C LYS A 79 -29.07 -6.18 -18.33
N ILE A 80 -28.80 -6.35 -17.04
CA ILE A 80 -27.55 -5.89 -16.44
C ILE A 80 -26.35 -6.67 -16.98
N THR A 81 -26.51 -7.97 -17.18
CA THR A 81 -25.41 -8.80 -17.69
C THR A 81 -25.04 -8.39 -19.12
N LYS A 82 -26.05 -8.11 -19.94
CA LYS A 82 -25.84 -7.65 -21.31
C LYS A 82 -25.11 -6.30 -21.33
N ILE A 83 -25.57 -5.38 -20.49
CA ILE A 83 -24.91 -4.06 -20.35
C ILE A 83 -23.44 -4.22 -19.99
N LEU A 84 -23.15 -5.06 -18.99
CA LEU A 84 -21.77 -5.23 -18.53
C LEU A 84 -20.88 -5.87 -19.60
N SER A 85 -21.42 -6.87 -20.31
N SER A 85 -21.42 -6.86 -20.30
CA SER A 85 -20.66 -7.49 -21.39
CA SER A 85 -20.69 -7.50 -21.39
C SER A 85 -20.39 -6.49 -22.52
C SER A 85 -20.39 -6.49 -22.51
N ASN A 86 -21.40 -5.71 -22.90
CA ASN A 86 -21.25 -4.69 -23.94
C ASN A 86 -20.26 -3.60 -23.57
N HIS A 87 -20.41 -3.06 -22.35
CA HIS A 87 -19.68 -1.86 -21.93
C HIS A 87 -18.30 -2.14 -21.33
N LEU A 88 -18.15 -3.29 -20.67
CA LEU A 88 -16.90 -3.63 -19.98
C LEU A 88 -16.13 -4.77 -20.66
N GLY A 89 -16.79 -5.49 -21.56
CA GLY A 89 -16.13 -6.60 -22.26
C GLY A 89 -16.05 -7.88 -21.45
N VAL A 90 -16.64 -7.88 -20.26
CA VAL A 90 -16.68 -9.10 -19.42
C VAL A 90 -17.49 -10.21 -20.10
N LYS A 91 -17.07 -11.45 -19.87
CA LYS A 91 -17.85 -12.60 -20.32
C LYS A 91 -19.07 -12.74 -19.43
N PRO A 92 -20.25 -13.01 -20.03
CA PRO A 92 -21.46 -13.24 -19.25
C PRO A 92 -21.26 -14.25 -18.13
N ARG A 93 -20.47 -15.29 -18.39
CA ARG A 93 -20.22 -16.33 -17.38
C ARG A 93 -19.33 -15.86 -16.22
N ARG A 94 -18.85 -14.63 -16.29
CA ARG A 94 -18.14 -14.02 -15.17
C ARG A 94 -18.87 -12.76 -14.71
N VAL A 95 -20.20 -12.85 -14.74
CA VAL A 95 -21.06 -11.84 -14.17
C VAL A 95 -21.95 -12.50 -13.12
N TYR A 96 -21.77 -12.10 -11.87
CA TYR A 96 -22.51 -12.68 -10.76
C TYR A 96 -23.37 -11.58 -10.13
N ILE A 97 -24.66 -11.84 -9.92
CA ILE A 97 -25.57 -10.81 -9.38
C ILE A 97 -26.33 -11.28 -8.14
N GLU A 98 -26.28 -10.45 -7.09
CA GLU A 98 -27.04 -10.71 -5.88
C GLU A 98 -28.16 -9.69 -5.74
N PHE A 99 -29.35 -10.19 -5.45
CA PHE A 99 -30.53 -9.35 -5.21
C PHE A 99 -30.88 -9.34 -3.73
N ARG A 100 -31.06 -8.14 -3.17
CA ARG A 100 -31.36 -7.98 -1.74
C ARG A 100 -32.65 -7.19 -1.55
N ASP A 101 -33.50 -7.67 -0.65
CA ASP A 101 -34.70 -6.96 -0.26
C ASP A 101 -34.45 -6.26 1.07
N CYS A 102 -34.94 -5.05 1.22
CA CYS A 102 -34.77 -4.31 2.47
C CYS A 102 -36.15 -3.79 2.88
N SER A 103 -36.46 -3.88 4.16
CA SER A 103 -37.71 -3.33 4.68
CA SER A 103 -37.70 -3.34 4.71
CA SER A 103 -37.71 -3.33 4.68
C SER A 103 -37.63 -1.81 4.68
N ALA A 104 -38.78 -1.17 4.46
CA ALA A 104 -38.86 0.29 4.48
C ALA A 104 -38.52 0.85 5.87
N GLN A 105 -38.80 0.08 6.92
CA GLN A 105 -38.44 0.47 8.29
C GLN A 105 -36.93 0.53 8.52
N ASN A 106 -36.16 -0.17 7.66
CA ASN A 106 -34.71 -0.25 7.79
C ASN A 106 -33.94 0.57 6.77
N PHE A 107 -34.59 1.62 6.25
CA PHE A 107 -33.98 2.50 5.26
C PHE A 107 -34.41 3.92 5.56
N ALA A 108 -33.45 4.85 5.43
CA ALA A 108 -33.69 6.26 5.71
C ALA A 108 -33.21 7.12 4.55
N PHE A 109 -33.86 8.26 4.37
CA PHE A 109 -33.48 9.19 3.33
C PHE A 109 -33.74 10.57 3.89
N SER A 110 -32.77 11.47 3.70
CA SER A 110 -32.91 12.86 4.14
C SER A 110 -33.15 12.97 5.65
N GLY A 111 -32.57 12.04 6.40
CA GLY A 111 -32.59 12.07 7.87
C GLY A 111 -33.80 11.42 8.52
N SER A 112 -34.69 10.86 7.71
CA SER A 112 -35.93 10.25 8.20
C SER A 112 -36.14 8.87 7.59
N LEU A 113 -36.79 7.98 8.34
CA LEU A 113 -37.12 6.64 7.84
C LEU A 113 -38.06 6.69 6.64
N PHE A 114 -37.87 5.76 5.70
CA PHE A 114 -38.82 5.53 4.61
C PHE A 114 -40.20 5.19 5.19
N GLY A 115 -41.28 5.63 4.54
CA GLY A 115 -41.21 6.43 3.30
C GLY A 115 -42.22 5.95 2.27
N PRO B 1 -20.24 -18.89 -3.25
CA PRO B 1 -20.11 -17.99 -2.09
C PRO B 1 -19.25 -16.78 -2.40
N CYS B 2 -19.43 -15.72 -1.63
CA CYS B 2 -18.69 -14.47 -1.82
CA CYS B 2 -18.70 -14.48 -1.83
C CYS B 2 -17.96 -14.10 -0.56
N CYS B 3 -16.66 -13.82 -0.69
CA CYS B 3 -15.86 -13.47 0.46
C CYS B 3 -15.27 -12.08 0.26
N GLU B 4 -15.82 -11.10 0.97
CA GLU B 4 -15.35 -9.72 0.89
C GLU B 4 -14.46 -9.44 2.08
N LEU B 5 -13.16 -9.28 1.82
CA LEU B 5 -12.24 -8.81 2.85
C LEU B 5 -12.08 -7.30 2.70
N ILE B 6 -12.29 -6.58 3.80
CA ILE B 6 -12.10 -5.12 3.83
C ILE B 6 -11.07 -4.86 4.91
N THR B 7 -9.98 -4.18 4.56
CA THR B 7 -8.84 -4.02 5.48
C THR B 7 -8.07 -2.74 5.23
N ASN B 8 -7.46 -2.19 6.28
CA ASN B 8 -6.57 -1.02 6.14
C ASN B 8 -5.11 -1.46 6.08
N ILE B 9 -4.92 -2.77 5.86
CA ILE B 9 -3.58 -3.36 5.72
C ILE B 9 -3.22 -3.47 4.25
N SER B 10 -2.03 -2.97 3.91
CA SER B 10 -1.55 -2.95 2.53
C SER B 10 -0.41 -3.96 2.33
N ILE B 11 -0.63 -4.88 1.38
CA ILE B 11 0.38 -5.82 0.91
C ILE B 11 0.32 -5.86 -0.63
N PRO B 12 1.42 -6.27 -1.29
CA PRO B 12 1.43 -6.33 -2.76
C PRO B 12 0.39 -7.26 -3.35
N ASP B 13 0.05 -7.03 -4.61
CA ASP B 13 -1.05 -7.75 -5.23
C ASP B 13 -0.92 -9.27 -5.20
N ASP B 14 0.29 -9.79 -5.42
CA ASP B 14 0.51 -11.25 -5.41
C ASP B 14 0.24 -11.82 -4.03
N LYS B 15 0.69 -11.11 -3.00
CA LYS B 15 0.47 -11.54 -1.64
C LYS B 15 -0.98 -11.41 -1.22
N ALA B 16 -1.65 -10.35 -1.69
CA ALA B 16 -3.11 -10.23 -1.49
C ALA B 16 -3.85 -11.43 -2.14
N GLN B 17 -3.49 -11.75 -3.37
CA GLN B 17 -4.07 -12.89 -4.09
C GLN B 17 -3.79 -14.20 -3.36
N ASN B 18 -2.55 -14.34 -2.87
CA ASN B 18 -2.18 -15.53 -2.11
CA ASN B 18 -2.17 -15.52 -2.09
C ASN B 18 -3.08 -15.73 -0.89
N ALA B 19 -3.34 -14.65 -0.15
CA ALA B 19 -4.19 -14.74 1.03
C ALA B 19 -5.63 -15.11 0.65
N LEU B 20 -6.16 -14.46 -0.37
CA LEU B 20 -7.50 -14.78 -0.88
C LEU B 20 -7.60 -16.25 -1.29
N SER B 21 -6.60 -16.74 -2.02
CA SER B 21 -6.59 -18.13 -2.47
C SER B 21 -6.69 -19.13 -1.30
N GLU B 22 -6.00 -18.85 -0.20
CA GLU B 22 -6.03 -19.68 1.00
CA GLU B 22 -6.03 -19.71 0.99
C GLU B 22 -7.39 -19.64 1.68
N ILE B 23 -7.98 -18.45 1.69
CA ILE B 23 -9.33 -18.28 2.21
C ILE B 23 -10.31 -19.07 1.33
N GLU B 24 -10.18 -18.92 0.01
CA GLU B 24 -10.99 -19.70 -0.94
C GLU B 24 -10.91 -21.22 -0.67
N ASP B 25 -9.69 -21.70 -0.44
CA ASP B 25 -9.48 -23.10 -0.10
C ASP B 25 -10.26 -23.52 1.15
N ALA B 26 -10.22 -22.68 2.18
CA ALA B 26 -10.94 -22.95 3.43
C ALA B 26 -12.46 -22.98 3.17
N ILE B 27 -12.97 -22.00 2.42
CA ILE B 27 -14.39 -21.96 2.05
C ILE B 27 -14.81 -23.21 1.29
N SER B 28 -13.99 -23.61 0.33
CA SER B 28 -14.23 -24.83 -0.45
C SER B 28 -14.32 -26.04 0.48
N ASN B 29 -13.34 -26.15 1.36
CA ASN B 29 -13.23 -27.27 2.30
CA ASN B 29 -13.26 -27.28 2.28
C ASN B 29 -14.41 -27.37 3.27
N VAL B 30 -14.73 -26.25 3.93
CA VAL B 30 -15.78 -26.25 4.96
C VAL B 30 -17.19 -26.34 4.37
N LEU B 31 -17.48 -25.50 3.38
CA LEU B 31 -18.84 -25.43 2.81
C LEU B 31 -19.10 -26.49 1.74
N GLY B 32 -18.05 -27.05 1.17
CA GLY B 32 -18.20 -28.05 0.11
C GLY B 32 -18.75 -27.47 -1.19
N LYS B 33 -18.61 -26.17 -1.36
CA LYS B 33 -19.06 -25.50 -2.56
C LYS B 33 -17.96 -25.46 -3.62
N PRO B 34 -18.33 -25.64 -4.90
CA PRO B 34 -17.35 -25.74 -5.98
C PRO B 34 -16.59 -24.45 -6.20
N VAL B 35 -15.36 -24.59 -6.67
CA VAL B 35 -14.49 -23.45 -6.99
C VAL B 35 -15.20 -22.47 -7.93
N ALA B 36 -15.91 -23.01 -8.93
CA ALA B 36 -16.61 -22.22 -9.96
C ALA B 36 -17.48 -21.10 -9.41
N TYR B 37 -17.98 -21.30 -8.19
CA TYR B 37 -18.93 -20.39 -7.57
C TYR B 37 -18.28 -19.48 -6.51
N ILE B 38 -16.99 -19.62 -6.27
CA ILE B 38 -16.36 -18.86 -5.19
C ILE B 38 -15.80 -17.53 -5.68
N MET B 39 -16.27 -16.45 -5.07
CA MET B 39 -15.71 -15.12 -5.30
C MET B 39 -14.99 -14.62 -4.06
N SER B 40 -13.90 -13.88 -4.26
CA SER B 40 -13.18 -13.29 -3.13
C SER B 40 -12.60 -11.94 -3.53
N ASN B 41 -12.39 -11.08 -2.54
CA ASN B 41 -11.82 -9.78 -2.82
C ASN B 41 -11.06 -9.26 -1.63
N TYR B 42 -10.04 -8.46 -1.91
CA TYR B 42 -9.20 -7.81 -0.91
C TYR B 42 -9.39 -6.33 -1.19
N ASP B 43 -10.20 -5.68 -0.36
CA ASP B 43 -10.52 -4.27 -0.55
C ASP B 43 -9.73 -3.42 0.43
N TYR B 44 -8.70 -2.75 -0.10
CA TYR B 44 -7.84 -1.88 0.71
C TYR B 44 -8.52 -0.55 1.01
N GLN B 45 -8.80 -0.34 2.28
CA GLN B 45 -9.57 0.80 2.75
C GLN B 45 -8.78 1.54 3.82
N LYS B 46 -8.08 2.59 3.40
CA LYS B 46 -7.10 3.27 4.26
C LYS B 46 -7.71 3.92 5.50
N ASN B 47 -8.98 4.31 5.42
CA ASN B 47 -9.65 4.97 6.54
C ASN B 47 -10.43 4.05 7.47
N LEU B 48 -10.31 2.74 7.25
CA LEU B 48 -11.01 1.76 8.09
C LEU B 48 -10.59 1.88 9.56
N ARG B 49 -11.58 1.82 10.44
CA ARG B 49 -11.36 1.95 11.88
C ARG B 49 -12.05 0.81 12.60
N PHE B 50 -11.49 0.45 13.74
CA PHE B 50 -12.14 -0.45 14.64
C PHE B 50 -11.71 -0.10 16.05
N SER B 51 -12.66 -0.20 16.98
CA SER B 51 -12.39 0.10 18.38
C SER B 51 -11.83 1.52 18.57
N GLY B 52 -12.27 2.45 17.72
CA GLY B 52 -11.91 3.85 17.87
C GLY B 52 -10.52 4.22 17.38
N SER B 53 -9.88 3.32 16.64
CA SER B 53 -8.56 3.60 16.07
C SER B 53 -8.38 3.09 14.64
N ASN B 54 -7.35 3.62 13.98
CA ASN B 54 -6.99 3.18 12.64
CA ASN B 54 -6.96 3.23 12.62
C ASN B 54 -5.90 2.11 12.63
N GLU B 55 -5.73 1.41 13.76
CA GLU B 55 -4.78 0.29 13.84
C GLU B 55 -5.17 -0.79 12.82
N GLY B 56 -4.20 -1.56 12.34
CA GLY B 56 -4.47 -2.68 11.41
C GLY B 56 -5.68 -3.51 11.81
N TYR B 57 -6.56 -3.76 10.84
CA TYR B 57 -7.84 -4.39 11.12
C TYR B 57 -8.42 -5.04 9.86
N CYS B 58 -9.13 -6.13 10.06
CA CYS B 58 -9.79 -6.82 8.94
C CYS B 58 -11.24 -7.06 9.26
N PHE B 59 -12.11 -6.80 8.28
CA PHE B 59 -13.49 -7.26 8.32
C PHE B 59 -13.75 -8.17 7.11
N VAL B 60 -14.37 -9.32 7.35
CA VAL B 60 -14.75 -10.24 6.27
C VAL B 60 -16.25 -10.38 6.27
N ARG B 61 -16.87 -10.26 5.10
CA ARG B 61 -18.25 -10.63 4.94
C ARG B 61 -18.31 -11.83 4.00
N LEU B 62 -18.82 -12.93 4.52
CA LEU B 62 -18.99 -14.14 3.75
C LEU B 62 -20.46 -14.40 3.48
N THR B 63 -20.82 -14.39 2.20
CA THR B 63 -22.19 -14.64 1.76
C THR B 63 -22.27 -16.00 1.07
N SER B 64 -23.26 -16.81 1.44
CA SER B 64 -23.37 -18.15 0.87
C SER B 64 -24.83 -18.57 0.74
N ILE B 65 -25.14 -19.34 -0.30
CA ILE B 65 -26.44 -19.99 -0.38
C ILE B 65 -26.34 -21.28 0.44
N GLY B 66 -26.75 -21.19 1.69
CA GLY B 66 -26.68 -22.32 2.63
C GLY B 66 -25.29 -22.49 3.20
N GLY B 67 -25.12 -23.49 4.07
CA GLY B 67 -23.83 -23.71 4.73
C GLY B 67 -23.53 -22.73 5.85
N ILE B 68 -24.51 -21.86 6.16
CA ILE B 68 -24.39 -20.90 7.26
C ILE B 68 -25.06 -21.51 8.49
N ASN B 69 -24.23 -21.99 9.41
CA ASN B 69 -24.70 -22.67 10.62
C ASN B 69 -23.59 -22.63 11.66
N ARG B 70 -23.92 -22.97 12.91
CA ARG B 70 -22.94 -22.82 13.98
C ARG B 70 -21.60 -23.53 13.66
N SER B 71 -21.68 -24.78 13.23
CA SER B 71 -20.49 -25.57 12.97
C SER B 71 -19.60 -24.97 11.88
N ASN B 72 -20.18 -24.73 10.71
CA ASN B 72 -19.41 -24.14 9.60
C ASN B 72 -18.87 -22.76 9.93
N ASN B 73 -19.73 -21.93 10.53
CA ASN B 73 -19.34 -20.56 10.88
C ASN B 73 -18.16 -20.57 11.84
N SER B 74 -18.20 -21.44 12.86
N SER B 74 -18.22 -21.44 12.87
CA SER B 74 -17.13 -21.54 13.84
CA SER B 74 -17.14 -21.57 13.85
C SER B 74 -15.83 -22.02 13.19
C SER B 74 -15.84 -22.01 13.18
N SER B 75 -15.95 -23.00 12.31
CA SER B 75 -14.79 -23.54 11.60
C SER B 75 -14.15 -22.47 10.72
N LEU B 76 -14.97 -21.79 9.91
CA LEU B 76 -14.44 -20.75 9.03
C LEU B 76 -13.93 -19.53 9.79
N ALA B 77 -14.57 -19.17 10.90
CA ALA B 77 -14.10 -18.04 11.70
C ALA B 77 -12.69 -18.32 12.19
N ASP B 78 -12.47 -19.57 12.63
CA ASP B 78 -11.16 -19.95 13.14
C ASP B 78 -10.12 -19.93 12.03
N LYS B 79 -10.43 -20.62 10.94
CA LYS B 79 -9.51 -20.75 9.79
C LYS B 79 -9.18 -19.39 9.14
N ILE B 80 -10.21 -18.60 8.86
CA ILE B 80 -10.04 -17.32 8.16
C ILE B 80 -9.25 -16.35 9.04
N THR B 81 -9.56 -16.32 10.34
CA THR B 81 -8.82 -15.42 11.23
C THR B 81 -7.32 -15.75 11.28
N LYS B 82 -7.01 -17.06 11.34
CA LYS B 82 -5.62 -17.51 11.32
C LYS B 82 -4.91 -17.13 10.02
N ILE B 83 -5.58 -17.28 8.88
CA ILE B 83 -4.98 -16.95 7.59
C ILE B 83 -4.62 -15.46 7.55
N LEU B 84 -5.56 -14.65 8.02
CA LEU B 84 -5.37 -13.20 8.03
C LEU B 84 -4.25 -12.79 8.98
N SER B 85 -4.18 -13.41 10.16
CA SER B 85 -3.08 -13.09 11.08
C SER B 85 -1.74 -13.47 10.48
N ASN B 86 -1.71 -14.63 9.81
CA ASN B 86 -0.47 -15.13 9.24
CA ASN B 86 -0.47 -15.14 9.23
C ASN B 86 0.04 -14.23 8.12
N HIS B 87 -0.82 -13.89 7.18
CA HIS B 87 -0.42 -13.18 5.97
C HIS B 87 -0.45 -11.66 6.06
N LEU B 88 -1.34 -11.12 6.90
CA LEU B 88 -1.51 -9.66 7.01
C LEU B 88 -0.98 -9.10 8.34
N GLY B 89 -0.63 -9.98 9.27
CA GLY B 89 -0.11 -9.56 10.57
C GLY B 89 -1.15 -8.94 11.50
N VAL B 90 -2.42 -9.05 11.12
CA VAL B 90 -3.51 -8.48 11.94
C VAL B 90 -3.63 -9.23 13.27
N LYS B 91 -3.97 -8.51 14.34
CA LYS B 91 -4.26 -9.14 15.63
C LYS B 91 -5.59 -9.87 15.54
N PRO B 92 -5.69 -11.09 16.11
CA PRO B 92 -7.03 -11.74 16.10
C PRO B 92 -8.14 -10.87 16.68
N ARG B 93 -7.83 -10.09 17.70
CA ARG B 93 -8.83 -9.19 18.30
C ARG B 93 -9.10 -7.94 17.46
N ARG B 94 -8.55 -7.90 16.26
CA ARG B 94 -8.93 -6.87 15.28
C ARG B 94 -9.37 -7.54 13.98
N VAL B 95 -10.09 -8.66 14.11
CA VAL B 95 -10.70 -9.36 12.96
C VAL B 95 -12.16 -9.63 13.29
N TYR B 96 -13.06 -9.10 12.46
CA TYR B 96 -14.50 -9.36 12.52
C TYR B 96 -14.89 -10.16 11.30
N ILE B 97 -15.81 -11.12 11.47
CA ILE B 97 -16.33 -11.87 10.33
C ILE B 97 -17.86 -11.94 10.43
N GLU B 98 -18.53 -11.52 9.36
CA GLU B 98 -19.98 -11.66 9.27
C GLU B 98 -20.33 -12.77 8.28
N PHE B 99 -21.28 -13.62 8.68
CA PHE B 99 -21.80 -14.70 7.83
C PHE B 99 -23.22 -14.36 7.39
N ARG B 100 -23.48 -14.44 6.09
CA ARG B 100 -24.78 -14.09 5.52
C ARG B 100 -25.34 -15.27 4.72
N ASP B 101 -26.53 -15.74 5.10
CA ASP B 101 -27.21 -16.82 4.38
C ASP B 101 -28.16 -16.20 3.38
N CYS B 102 -28.02 -16.56 2.11
CA CYS B 102 -28.89 -16.01 1.08
CA CYS B 102 -28.83 -15.99 1.02
C CYS B 102 -29.62 -17.08 0.29
N SER B 103 -30.74 -16.69 -0.28
CA SER B 103 -31.60 -17.61 -1.00
C SER B 103 -31.15 -17.77 -2.46
N ALA B 104 -31.24 -18.99 -2.99
CA ALA B 104 -30.83 -19.28 -4.37
C ALA B 104 -31.54 -18.41 -5.42
N GLN B 105 -32.80 -18.10 -5.17
CA GLN B 105 -33.62 -17.28 -6.08
C GLN B 105 -33.14 -15.84 -6.22
N ASN B 106 -32.30 -15.40 -5.29
CA ASN B 106 -31.79 -14.03 -5.31
C ASN B 106 -30.39 -13.90 -5.89
N PHE B 107 -29.97 -14.93 -6.61
CA PHE B 107 -28.67 -14.91 -7.30
C PHE B 107 -28.80 -15.25 -8.76
N ALA B 108 -28.01 -14.57 -9.57
CA ALA B 108 -27.93 -14.84 -10.99
C ALA B 108 -26.49 -14.99 -11.44
N PHE B 109 -26.32 -15.81 -12.47
CA PHE B 109 -25.02 -16.16 -13.00
C PHE B 109 -25.21 -16.24 -14.52
N SER B 110 -24.30 -15.61 -15.25
CA SER B 110 -24.40 -15.52 -16.71
CA SER B 110 -24.39 -15.51 -16.72
C SER B 110 -25.78 -15.10 -17.20
N GLY B 111 -26.36 -14.09 -16.55
CA GLY B 111 -27.62 -13.50 -16.97
C GLY B 111 -28.92 -14.23 -16.65
N SER B 112 -28.84 -15.31 -15.86
CA SER B 112 -30.05 -16.02 -15.47
C SER B 112 -29.99 -16.48 -14.02
N LEU B 113 -31.16 -16.60 -13.41
CA LEU B 113 -31.28 -16.93 -11.99
C LEU B 113 -31.03 -18.41 -11.73
N PHE B 114 -30.53 -18.71 -10.52
CA PHE B 114 -30.33 -20.09 -10.09
C PHE B 114 -31.66 -20.81 -9.92
N GLY B 115 -32.59 -20.17 -9.22
CA GLY B 115 -33.93 -20.72 -9.01
C GLY B 115 -33.92 -21.97 -8.15
N PRO C 1 -20.88 -3.35 16.02
CA PRO C 1 -21.54 -2.88 14.79
C PRO C 1 -20.52 -2.55 13.71
N CYS C 2 -21.00 -2.46 12.47
CA CYS C 2 -20.18 -2.05 11.34
C CYS C 2 -20.90 -0.92 10.62
N CYS C 3 -20.18 0.15 10.38
CA CYS C 3 -20.75 1.32 9.72
C CYS C 3 -19.93 1.65 8.48
N GLU C 4 -20.48 1.31 7.32
CA GLU C 4 -19.82 1.54 6.05
C GLU C 4 -20.41 2.78 5.38
N LEU C 5 -19.63 3.86 5.35
CA LEU C 5 -19.98 5.05 4.60
C LEU C 5 -19.34 4.95 3.22
N ILE C 6 -20.15 5.14 2.19
CA ILE C 6 -19.70 5.18 0.81
C ILE C 6 -20.10 6.54 0.21
N THR C 7 -19.14 7.28 -0.32
CA THR C 7 -19.41 8.67 -0.75
C THR C 7 -18.50 9.07 -1.89
N ASN C 8 -19.02 9.94 -2.76
CA ASN C 8 -18.22 10.54 -3.85
C ASN C 8 -17.61 11.87 -3.43
N ILE C 9 -17.69 12.18 -2.13
CA ILE C 9 -17.15 13.41 -1.58
C ILE C 9 -15.75 13.17 -1.03
N SER C 10 -14.79 13.94 -1.55
CA SER C 10 -13.40 13.83 -1.17
C SER C 10 -13.08 14.79 -0.03
N ILE C 11 -12.61 14.25 1.10
CA ILE C 11 -12.11 15.07 2.19
C ILE C 11 -10.78 14.51 2.71
N PRO C 12 -9.95 15.37 3.34
CA PRO C 12 -8.66 14.88 3.83
C PRO C 12 -8.80 13.71 4.82
N ASP C 13 -7.81 12.84 4.82
CA ASP C 13 -7.81 11.67 5.70
C ASP C 13 -8.10 12.00 7.17
N ASP C 14 -7.47 13.05 7.69
CA ASP C 14 -7.70 13.44 9.10
C ASP C 14 -9.15 13.84 9.36
N LYS C 15 -9.75 14.54 8.40
CA LYS C 15 -11.16 14.94 8.47
C LYS C 15 -12.10 13.74 8.35
N ALA C 16 -11.76 12.80 7.46
CA ALA C 16 -12.53 11.56 7.36
C ALA C 16 -12.53 10.81 8.71
N GLN C 17 -11.35 10.72 9.34
CA GLN C 17 -11.21 10.09 10.64
C GLN C 17 -12.08 10.78 11.70
N ASN C 18 -12.06 12.12 11.73
CA ASN C 18 -12.88 12.88 12.66
C ASN C 18 -14.38 12.60 12.50
N ALA C 19 -14.84 12.58 11.26
CA ALA C 19 -16.25 12.32 10.96
C ALA C 19 -16.65 10.93 11.41
N LEU C 20 -15.82 9.94 11.07
CA LEU C 20 -16.08 8.57 11.50
C LEU C 20 -16.14 8.46 13.03
N SER C 21 -15.24 9.13 13.73
CA SER C 21 -15.26 9.11 15.20
C SER C 21 -16.61 9.62 15.76
N GLU C 22 -17.14 10.69 15.16
N GLU C 22 -17.13 10.70 15.16
CA GLU C 22 -18.44 11.25 15.60
CA GLU C 22 -18.43 11.27 15.55
C GLU C 22 -19.62 10.32 15.31
C GLU C 22 -19.57 10.27 15.34
N ILE C 23 -19.56 9.62 14.18
CA ILE C 23 -20.58 8.61 13.83
C ILE C 23 -20.50 7.44 14.84
N GLU C 24 -19.27 7.02 15.15
CA GLU C 24 -19.07 5.95 16.15
C GLU C 24 -19.72 6.32 17.49
N ASP C 25 -19.56 7.58 17.88
CA ASP C 25 -20.08 8.04 19.16
C ASP C 25 -21.61 8.03 19.15
N ALA C 26 -22.20 8.42 18.04
CA ALA C 26 -23.66 8.40 17.90
C ALA C 26 -24.17 6.94 17.97
N ILE C 27 -23.50 6.04 17.27
CA ILE C 27 -23.87 4.62 17.27
C ILE C 27 -23.80 4.05 18.69
N SER C 28 -22.72 4.35 19.40
CA SER C 28 -22.58 3.90 20.78
C SER C 28 -23.70 4.44 21.64
N ASN C 29 -24.03 5.72 21.46
CA ASN C 29 -25.08 6.34 22.27
C ASN C 29 -26.45 5.70 22.04
N VAL C 30 -26.83 5.53 20.79
CA VAL C 30 -28.17 5.02 20.47
C VAL C 30 -28.29 3.52 20.74
N LEU C 31 -27.32 2.75 20.28
CA LEU C 31 -27.39 1.28 20.37
C LEU C 31 -26.84 0.73 21.68
N GLY C 32 -26.11 1.54 22.42
CA GLY C 32 -25.49 1.10 23.66
C GLY C 32 -24.27 0.23 23.46
N LYS C 33 -23.83 0.10 22.20
CA LYS C 33 -22.66 -0.71 21.90
C LYS C 33 -21.36 0.07 22.13
N PRO C 34 -20.39 -0.52 22.86
CA PRO C 34 -19.14 0.20 23.09
C PRO C 34 -18.41 0.46 21.79
N VAL C 35 -17.68 1.57 21.74
CA VAL C 35 -16.81 1.88 20.59
C VAL C 35 -15.88 0.70 20.27
N ALA C 36 -15.46 -0.03 21.31
CA ALA C 36 -14.59 -1.22 21.17
C ALA C 36 -15.18 -2.23 20.18
N TYR C 37 -16.49 -2.18 19.99
CA TYR C 37 -17.19 -3.14 19.14
C TYR C 37 -17.54 -2.55 17.78
N ILE C 38 -17.22 -1.27 17.58
CA ILE C 38 -17.62 -0.58 16.36
C ILE C 38 -16.54 -0.54 15.29
N MET C 39 -16.91 -1.03 14.11
CA MET C 39 -16.12 -0.78 12.92
C MET C 39 -16.75 0.35 12.14
N SER C 40 -15.93 1.20 11.54
CA SER C 40 -16.44 2.25 10.66
C SER C 40 -15.48 2.48 9.49
N ASN C 41 -16.01 3.03 8.41
CA ASN C 41 -15.19 3.25 7.23
C ASN C 41 -15.72 4.36 6.38
N TYR C 42 -14.78 5.10 5.76
CA TYR C 42 -15.05 6.15 4.80
C TYR C 42 -14.49 5.65 3.48
N ASP C 43 -15.40 5.19 2.62
CA ASP C 43 -15.03 4.60 1.33
C ASP C 43 -15.28 5.61 0.20
N TYR C 44 -14.21 6.26 -0.24
CA TYR C 44 -14.31 7.24 -1.31
C TYR C 44 -14.51 6.53 -2.65
N GLN C 45 -15.68 6.78 -3.24
CA GLN C 45 -16.08 6.17 -4.49
C GLN C 45 -16.43 7.28 -5.46
N LYS C 46 -15.46 7.66 -6.28
CA LYS C 46 -15.57 8.88 -7.09
C LYS C 46 -16.69 8.86 -8.14
N ASN C 47 -17.06 7.66 -8.58
CA ASN C 47 -18.09 7.53 -9.60
C ASN C 47 -19.46 7.15 -9.04
N LEU C 48 -19.60 7.24 -7.72
CA LEU C 48 -20.88 6.94 -7.07
C LEU C 48 -21.94 7.94 -7.54
N ARG C 49 -23.11 7.43 -7.87
CA ARG C 49 -24.20 8.24 -8.42
C ARG C 49 -25.48 8.08 -7.63
N PHE C 50 -26.25 9.15 -7.58
CA PHE C 50 -27.61 9.09 -7.05
C PHE C 50 -28.47 10.03 -7.86
N SER C 51 -29.70 9.57 -8.12
CA SER C 51 -30.69 10.37 -8.83
CA SER C 51 -30.71 10.34 -8.86
C SER C 51 -30.21 10.80 -10.23
N GLY C 52 -29.34 10.00 -10.84
CA GLY C 52 -28.88 10.26 -12.21
C GLY C 52 -27.62 11.10 -12.35
N SER C 53 -26.99 11.44 -11.24
CA SER C 53 -25.77 12.24 -11.29
C SER C 53 -24.75 11.88 -10.23
N ASN C 54 -23.53 12.38 -10.46
CA ASN C 54 -22.35 12.20 -9.61
C ASN C 54 -22.23 13.34 -8.58
N GLU C 55 -23.29 14.13 -8.40
CA GLU C 55 -23.30 15.19 -7.38
C GLU C 55 -23.09 14.59 -5.97
N GLY C 56 -22.54 15.39 -5.06
CA GLY C 56 -22.29 14.95 -3.67
C GLY C 56 -23.38 14.08 -3.10
N TYR C 57 -22.99 12.90 -2.62
CA TYR C 57 -23.96 11.92 -2.13
C TYR C 57 -23.26 10.97 -1.15
N CYS C 58 -24.01 10.55 -0.12
CA CYS C 58 -23.53 9.56 0.85
C CYS C 58 -24.52 8.41 1.00
N PHE C 59 -24.01 7.18 1.00
CA PHE C 59 -24.79 6.01 1.37
C PHE C 59 -24.11 5.38 2.59
N VAL C 60 -24.89 5.11 3.63
CA VAL C 60 -24.36 4.45 4.84
C VAL C 60 -25.05 3.11 5.03
N ARG C 61 -24.27 2.06 5.23
CA ARG C 61 -24.83 0.77 5.64
C ARG C 61 -24.40 0.46 7.06
N LEU C 62 -25.38 0.34 7.96
CA LEU C 62 -25.10 0.08 9.36
C LEU C 62 -25.60 -1.30 9.76
N THR C 63 -24.66 -2.15 10.16
CA THR C 63 -24.96 -3.51 10.57
C THR C 63 -24.71 -3.67 12.07
N SER C 64 -25.67 -4.25 12.78
CA SER C 64 -25.54 -4.41 14.22
C SER C 64 -26.16 -5.73 14.67
N ILE C 65 -25.60 -6.30 15.75
CA ILE C 65 -26.18 -7.47 16.37
C ILE C 65 -27.21 -6.93 17.34
N GLY C 66 -28.44 -6.81 16.86
CA GLY C 66 -29.53 -6.25 17.66
C GLY C 66 -29.56 -4.73 17.61
N GLY C 67 -30.58 -4.15 18.24
CA GLY C 67 -30.69 -2.69 18.26
C GLY C 67 -31.26 -2.10 16.98
N ILE C 68 -31.65 -2.97 16.05
CA ILE C 68 -32.27 -2.52 14.79
C ILE C 68 -33.79 -2.51 14.94
N ASN C 69 -34.36 -1.31 15.04
CA ASN C 69 -35.78 -1.10 15.29
C ASN C 69 -36.18 0.33 14.92
N ARG C 70 -37.48 0.63 14.90
CA ARG C 70 -37.95 1.93 14.44
C ARG C 70 -37.35 3.11 15.22
N SER C 71 -37.36 3.01 16.55
CA SER C 71 -36.87 4.11 17.39
C SER C 71 -35.37 4.36 17.20
N ASN C 72 -34.57 3.29 17.28
CA ASN C 72 -33.12 3.41 17.07
C ASN C 72 -32.75 3.85 15.65
N ASN C 73 -33.39 3.24 14.65
CA ASN C 73 -33.16 3.60 13.24
C ASN C 73 -33.47 5.07 12.96
N SER C 74 -34.60 5.54 13.48
CA SER C 74 -34.99 6.94 13.29
C SER C 74 -33.99 7.86 13.94
N SER C 75 -33.61 7.55 15.17
CA SER C 75 -32.65 8.37 15.91
C SER C 75 -31.29 8.45 15.19
N LEU C 76 -30.80 7.29 14.75
CA LEU C 76 -29.52 7.25 14.04
C LEU C 76 -29.57 7.89 12.65
N ALA C 77 -30.70 7.74 11.96
CA ALA C 77 -30.89 8.41 10.68
C ALA C 77 -30.71 9.92 10.85
N ASP C 78 -31.30 10.47 11.90
CA ASP C 78 -31.20 11.90 12.17
C ASP C 78 -29.77 12.32 12.53
N LYS C 79 -29.17 11.60 13.48
CA LYS C 79 -27.84 11.92 13.97
C LYS C 79 -26.75 11.78 12.90
N ILE C 80 -26.77 10.67 12.18
CA ILE C 80 -25.76 10.41 11.15
C ILE C 80 -25.86 11.40 9.99
N THR C 81 -27.09 11.68 9.57
CA THR C 81 -27.30 12.60 8.46
C THR C 81 -26.76 13.99 8.82
N LYS C 82 -26.99 14.43 10.06
CA LYS C 82 -26.48 15.72 10.54
C LYS C 82 -24.95 15.77 10.54
N ILE C 83 -24.32 14.71 11.02
CA ILE C 83 -22.86 14.62 11.02
C ILE C 83 -22.30 14.72 9.60
N LEU C 84 -22.93 14.00 8.68
CA LEU C 84 -22.46 14.00 7.29
C LEU C 84 -22.61 15.38 6.65
N SER C 85 -23.76 16.01 6.81
N SER C 85 -23.76 16.02 6.84
CA SER C 85 -23.96 17.33 6.23
CA SER C 85 -23.96 17.37 6.31
C SER C 85 -22.93 18.31 6.77
C SER C 85 -22.97 18.37 6.92
N ASN C 86 -22.76 18.32 8.10
N ASN C 86 -22.71 18.23 8.23
CA ASN C 86 -21.80 19.21 8.73
CA ASN C 86 -21.79 19.13 8.93
C ASN C 86 -20.38 18.97 8.21
C ASN C 86 -20.33 18.99 8.50
N HIS C 87 -19.89 17.74 8.38
CA HIS C 87 -18.48 17.41 8.06
C HIS C 87 -18.18 17.27 6.57
N LEU C 88 -19.17 16.81 5.80
CA LEU C 88 -18.92 16.56 4.37
C LEU C 88 -19.55 17.57 3.43
N GLY C 89 -20.54 18.33 3.92
CA GLY C 89 -21.22 19.33 3.08
C GLY C 89 -22.30 18.73 2.20
N VAL C 90 -22.55 17.44 2.35
CA VAL C 90 -23.59 16.76 1.58
C VAL C 90 -24.98 17.30 1.99
N LYS C 91 -25.87 17.38 1.02
CA LYS C 91 -27.26 17.76 1.29
CA LYS C 91 -27.25 17.76 1.29
C LYS C 91 -27.98 16.58 1.92
N PRO C 92 -28.78 16.84 2.97
CA PRO C 92 -29.52 15.73 3.58
C PRO C 92 -30.29 14.90 2.56
N ARG C 93 -30.84 15.54 1.53
CA ARG C 93 -31.60 14.85 0.49
C ARG C 93 -30.72 13.97 -0.41
N ARG C 94 -29.43 14.00 -0.18
CA ARG C 94 -28.53 13.08 -0.86
C ARG C 94 -27.77 12.20 0.13
N VAL C 95 -28.48 11.83 1.20
CA VAL C 95 -28.00 10.83 2.18
C VAL C 95 -29.01 9.69 2.31
N TYR C 96 -28.58 8.49 1.93
CA TYR C 96 -29.31 7.24 2.17
C TYR C 96 -28.63 6.46 3.30
N ILE C 97 -29.43 5.83 4.15
CA ILE C 97 -28.90 4.93 5.18
C ILE C 97 -29.67 3.62 5.23
N GLU C 98 -28.97 2.49 5.20
CA GLU C 98 -29.59 1.18 5.35
C GLU C 98 -29.20 0.57 6.70
N PHE C 99 -30.18 -0.02 7.38
CA PHE C 99 -29.98 -0.69 8.67
C PHE C 99 -30.11 -2.20 8.49
N ARG C 100 -29.12 -2.93 9.02
CA ARG C 100 -29.06 -4.38 8.90
C ARG C 100 -28.87 -5.03 10.27
N ASP C 101 -29.70 -6.01 10.57
CA ASP C 101 -29.57 -6.79 11.80
C ASP C 101 -28.74 -8.03 11.49
N CYS C 102 -28.05 -8.56 12.49
CA CYS C 102 -27.28 -9.80 12.35
C CYS C 102 -27.42 -10.59 13.63
N SER C 103 -27.54 -11.91 13.48
N SER C 103 -27.55 -11.91 13.50
CA SER C 103 -27.56 -12.79 14.65
CA SER C 103 -27.56 -12.77 14.67
C SER C 103 -26.15 -12.98 15.19
C SER C 103 -26.15 -12.93 15.21
N ALA C 104 -26.03 -13.16 16.51
CA ALA C 104 -24.72 -13.33 17.14
C ALA C 104 -23.97 -14.56 16.61
N GLN C 105 -24.73 -15.62 16.31
CA GLN C 105 -24.19 -16.88 15.77
C GLN C 105 -23.60 -16.69 14.36
N ASN C 106 -23.98 -15.60 13.71
CA ASN C 106 -23.49 -15.30 12.38
C ASN C 106 -22.42 -14.21 12.38
N PHE C 107 -21.78 -14.01 13.53
CA PHE C 107 -20.77 -12.98 13.65
C PHE C 107 -19.64 -13.44 14.54
N ALA C 108 -18.40 -13.25 14.09
CA ALA C 108 -17.23 -13.72 14.81
C ALA C 108 -16.24 -12.61 15.10
N PHE C 109 -15.54 -12.76 16.22
CA PHE C 109 -14.53 -11.82 16.68
C PHE C 109 -13.39 -12.64 17.25
N SER C 110 -12.15 -12.28 16.90
CA SER C 110 -10.97 -13.02 17.39
C SER C 110 -11.08 -14.54 17.14
N GLY C 111 -11.67 -14.90 16.01
CA GLY C 111 -11.72 -16.30 15.59
C GLY C 111 -12.83 -17.14 16.19
N SER C 112 -13.71 -16.49 16.97
CA SER C 112 -14.82 -17.19 17.65
C SER C 112 -16.14 -16.48 17.46
N LEU C 113 -17.22 -17.27 17.35
CA LEU C 113 -18.56 -16.70 17.23
C LEU C 113 -18.96 -15.97 18.51
N PHE C 114 -19.71 -14.87 18.35
CA PHE C 114 -20.38 -14.22 19.47
C PHE C 114 -21.55 -15.12 19.98
N GLY C 115 -21.92 -14.86 21.21
CA GLY C 115 -22.99 -15.52 21.86
C GLY C 115 -22.52 -16.70 22.69
N LEU C 116 -23.44 -17.19 23.50
CA LEU C 116 -23.35 -18.49 24.13
C LEU C 116 -24.09 -19.51 23.33
N GLU C 117 -23.39 -20.57 23.01
CA GLU C 117 -23.86 -21.93 23.22
C GLU C 117 -24.79 -22.38 22.10
N PRO D 1 19.87 19.62 -1.87
CA PRO D 1 20.44 18.43 -2.51
C PRO D 1 21.15 17.52 -1.50
N CYS D 2 21.34 16.26 -1.87
CA CYS D 2 22.06 15.31 -1.02
C CYS D 2 23.16 14.68 -1.85
N CYS D 3 24.37 14.67 -1.30
CA CYS D 3 25.52 14.08 -1.97
C CYS D 3 26.15 13.00 -1.10
N GLU D 4 25.93 11.75 -1.49
CA GLU D 4 26.44 10.60 -0.77
C GLU D 4 27.68 10.06 -1.47
N LEU D 5 28.84 10.28 -0.85
CA LEU D 5 30.09 9.67 -1.31
C LEU D 5 30.32 8.35 -0.59
N ILE D 6 30.56 7.30 -1.36
CA ILE D 6 30.88 5.97 -0.81
C ILE D 6 32.25 5.62 -1.37
N THR D 7 33.18 5.28 -0.48
CA THR D 7 34.57 5.05 -0.91
C THR D 7 35.29 4.06 0.00
N ASN D 8 36.23 3.32 -0.59
CA ASN D 8 37.11 2.43 0.18
C ASN D 8 38.43 3.12 0.54
N ILE D 9 38.49 4.44 0.33
CA ILE D 9 39.69 5.20 0.61
C ILE D 9 39.61 5.83 2.00
N SER D 10 40.59 5.48 2.83
CA SER D 10 40.67 5.96 4.21
C SER D 10 41.46 7.27 4.30
N ILE D 11 40.83 8.30 4.86
CA ILE D 11 41.50 9.56 5.15
C ILE D 11 40.98 10.13 6.47
N PRO D 12 41.80 10.93 7.18
CA PRO D 12 41.38 11.52 8.46
C PRO D 12 40.15 12.41 8.30
N ASP D 13 39.36 12.52 9.38
CA ASP D 13 38.11 13.29 9.36
C ASP D 13 38.22 14.73 8.84
N ASP D 14 39.28 15.46 9.20
CA ASP D 14 39.42 16.84 8.71
C ASP D 14 39.56 16.89 7.20
N LYS D 15 40.30 15.93 6.64
CA LYS D 15 40.51 15.86 5.20
C LYS D 15 39.23 15.40 4.49
N ALA D 16 38.49 14.49 5.13
CA ALA D 16 37.20 14.03 4.60
C ALA D 16 36.22 15.20 4.51
N GLN D 17 36.15 15.99 5.57
CA GLN D 17 35.23 17.12 5.63
C GLN D 17 35.63 18.22 4.66
N ASN D 18 36.93 18.41 4.49
CA ASN D 18 37.43 19.31 3.47
C ASN D 18 37.00 18.91 2.06
N ALA D 19 37.16 17.63 1.71
CA ALA D 19 36.68 17.16 0.40
C ALA D 19 35.19 17.43 0.22
N LEU D 20 34.41 17.08 1.24
CA LEU D 20 32.96 17.34 1.21
C LEU D 20 32.66 18.83 1.02
N SER D 21 33.41 19.68 1.73
CA SER D 21 33.22 21.12 1.64
C SER D 21 33.40 21.62 0.20
N GLU D 22 34.39 21.09 -0.50
CA GLU D 22 34.62 21.45 -1.91
C GLU D 22 33.51 20.95 -2.83
N ILE D 23 33.03 19.74 -2.56
CA ILE D 23 31.90 19.19 -3.30
C ILE D 23 30.62 20.04 -3.09
N GLU D 24 30.36 20.41 -1.83
CA GLU D 24 29.21 21.26 -1.50
C GLU D 24 29.25 22.58 -2.28
N ASP D 25 30.43 23.20 -2.33
N ASP D 25 30.43 23.19 -2.33
CA ASP D 25 30.63 24.43 -3.10
CA ASP D 25 30.68 24.42 -3.07
C ASP D 25 30.34 24.24 -4.59
C ASP D 25 30.39 24.26 -4.58
N ALA D 26 30.82 23.13 -5.15
CA ALA D 26 30.57 22.81 -6.56
C ALA D 26 29.07 22.67 -6.82
N ILE D 27 28.40 21.90 -5.96
CA ILE D 27 26.96 21.68 -6.09
C ILE D 27 26.21 23.00 -5.98
N SER D 28 26.55 23.80 -4.96
CA SER D 28 25.90 25.09 -4.77
C SER D 28 26.02 25.96 -6.03
N ASN D 29 27.20 25.95 -6.64
CA ASN D 29 27.48 26.72 -7.83
C ASN D 29 26.66 26.26 -9.04
N VAL D 30 26.82 24.99 -9.40
CA VAL D 30 26.19 24.46 -10.61
C VAL D 30 24.67 24.46 -10.50
N LEU D 31 24.16 24.05 -9.33
CA LEU D 31 22.72 23.92 -9.12
C LEU D 31 22.02 25.23 -8.72
N GLY D 32 22.81 26.23 -8.34
CA GLY D 32 22.25 27.52 -7.90
C GLY D 32 21.39 27.39 -6.66
N LYS D 33 21.84 26.56 -5.72
CA LYS D 33 21.16 26.36 -4.45
C LYS D 33 22.12 26.66 -3.31
N PRO D 34 21.60 27.28 -2.24
CA PRO D 34 22.43 27.63 -1.08
C PRO D 34 22.94 26.41 -0.32
N VAL D 35 24.06 26.60 0.37
CA VAL D 35 24.66 25.55 1.18
C VAL D 35 23.66 25.05 2.22
N ALA D 36 22.78 25.96 2.64
CA ALA D 36 21.75 25.68 3.62
C ALA D 36 20.94 24.42 3.29
N TYR D 37 20.82 24.11 2.00
CA TYR D 37 19.99 22.99 1.56
C TYR D 37 20.80 21.75 1.19
N ILE D 38 22.11 21.81 1.35
CA ILE D 38 22.98 20.74 0.89
C ILE D 38 23.41 19.81 2.03
N MET D 39 23.12 18.51 1.83
CA MET D 39 23.64 17.46 2.67
C MET D 39 24.76 16.76 1.93
N SER D 40 25.79 16.33 2.66
CA SER D 40 26.88 15.55 2.08
C SER D 40 27.40 14.54 3.08
N ASN D 41 28.01 13.46 2.56
CA ASN D 41 28.57 12.45 3.45
C ASN D 41 29.75 11.73 2.82
N TYR D 42 30.67 11.32 3.69
CA TYR D 42 31.85 10.52 3.34
C TYR D 42 31.67 9.19 4.05
N ASP D 43 31.24 8.18 3.29
CA ASP D 43 30.97 6.86 3.86
C ASP D 43 32.12 5.90 3.55
N TYR D 44 32.93 5.63 4.56
CA TYR D 44 34.08 4.72 4.41
C TYR D 44 33.62 3.27 4.36
N GLN D 45 33.75 2.66 3.20
CA GLN D 45 33.27 1.30 2.96
C GLN D 45 34.44 0.47 2.46
N LYS D 46 35.15 -0.16 3.41
CA LYS D 46 36.43 -0.82 3.14
C LYS D 46 36.36 -1.96 2.13
N ASN D 47 35.20 -2.58 2.01
CA ASN D 47 35.01 -3.71 1.10
C ASN D 47 34.42 -3.34 -0.26
N LEU D 48 34.32 -2.05 -0.53
CA LEU D 48 33.79 -1.56 -1.79
C LEU D 48 34.66 -2.01 -2.96
N ARG D 49 34.01 -2.49 -4.01
CA ARG D 49 34.69 -3.07 -5.17
C ARG D 49 34.24 -2.41 -6.45
N PHE D 50 35.16 -2.34 -7.42
CA PHE D 50 34.81 -1.92 -8.78
C PHE D 50 35.75 -2.62 -9.73
N SER D 51 35.22 -3.04 -10.88
N SER D 51 35.21 -3.06 -10.88
CA SER D 51 36.01 -3.73 -11.89
CA SER D 51 35.99 -3.75 -11.92
C SER D 51 36.71 -4.97 -11.31
C SER D 51 36.59 -5.09 -11.45
N GLY D 52 36.01 -5.65 -10.39
CA GLY D 52 36.48 -6.92 -9.83
C GLY D 52 37.64 -6.77 -8.87
N SER D 53 37.83 -5.56 -8.33
CA SER D 53 38.92 -5.35 -7.38
C SER D 53 38.57 -4.35 -6.27
N ASN D 54 39.32 -4.45 -5.17
CA ASN D 54 39.16 -3.61 -4.00
C ASN D 54 40.09 -2.38 -4.05
N GLU D 55 40.61 -2.08 -5.23
CA GLU D 55 41.48 -0.91 -5.43
C GLU D 55 40.69 0.37 -5.14
N GLY D 56 41.38 1.43 -4.72
CA GLY D 56 40.77 2.74 -4.43
C GLY D 56 39.69 3.13 -5.44
N TYR D 57 38.49 3.43 -4.95
CA TYR D 57 37.34 3.70 -5.81
C TYR D 57 36.34 4.59 -5.10
N CYS D 58 35.64 5.42 -5.86
CA CYS D 58 34.57 6.28 -5.32
C CYS D 58 33.28 6.13 -6.09
N PHE D 59 32.17 6.03 -5.34
CA PHE D 59 30.84 6.14 -5.92
C PHE D 59 30.12 7.30 -5.26
N VAL D 60 29.51 8.16 -6.07
CA VAL D 60 28.79 9.32 -5.54
C VAL D 60 27.35 9.29 -6.03
N ARG D 61 26.41 9.47 -5.11
CA ARG D 61 25.01 9.62 -5.48
C ARG D 61 24.54 11.02 -5.09
N LEU D 62 24.14 11.77 -6.10
CA LEU D 62 23.67 13.14 -5.95
C LEU D 62 22.19 13.18 -6.26
N THR D 63 21.41 13.53 -5.24
CA THR D 63 19.95 13.63 -5.34
C THR D 63 19.58 15.10 -5.21
N SER D 64 18.68 15.57 -6.08
CA SER D 64 18.29 16.98 -6.08
C SER D 64 16.84 17.14 -6.51
N ILE D 65 16.16 18.14 -5.94
CA ILE D 65 14.86 18.56 -6.44
C ILE D 65 15.10 19.54 -7.58
N GLY D 66 15.04 19.03 -8.81
CA GLY D 66 15.36 19.85 -9.97
C GLY D 66 16.86 19.97 -10.20
N GLY D 67 17.24 20.52 -11.36
CA GLY D 67 18.64 20.72 -11.71
C GLY D 67 19.35 19.48 -12.19
N ILE D 68 18.61 18.39 -12.39
CA ILE D 68 19.17 17.17 -12.95
C ILE D 68 18.93 17.18 -14.47
N ASN D 69 20.01 17.44 -15.20
CA ASN D 69 19.95 17.59 -16.65
C ASN D 69 21.34 17.43 -17.21
N ARG D 70 21.43 17.24 -18.53
CA ARG D 70 22.71 16.97 -19.20
C ARG D 70 23.78 17.99 -18.80
N SER D 71 23.44 19.27 -18.95
CA SER D 71 24.41 20.34 -18.73
C SER D 71 24.94 20.34 -17.30
N ASN D 72 24.03 20.32 -16.32
CA ASN D 72 24.43 20.34 -14.92
C ASN D 72 25.17 19.06 -14.54
N ASN D 73 24.65 17.92 -15.01
CA ASN D 73 25.22 16.62 -14.68
C ASN D 73 26.64 16.54 -15.22
N SER D 74 26.83 17.01 -16.46
CA SER D 74 28.15 17.00 -17.07
C SER D 74 29.14 17.90 -16.28
N SER D 75 28.69 19.11 -15.96
CA SER D 75 29.51 20.04 -15.19
C SER D 75 29.93 19.45 -13.85
N LEU D 76 28.96 18.88 -13.11
CA LEU D 76 29.23 18.31 -11.79
C LEU D 76 30.05 17.02 -11.87
N ALA D 77 29.84 16.23 -12.92
CA ALA D 77 30.64 15.03 -13.14
C ALA D 77 32.12 15.42 -13.27
N ASP D 78 32.38 16.47 -14.05
CA ASP D 78 33.74 17.00 -14.22
C ASP D 78 34.31 17.49 -12.88
N LYS D 79 33.56 18.35 -12.22
CA LYS D 79 34.03 19.04 -11.02
C LYS D 79 34.27 18.09 -9.85
N ILE D 80 33.32 17.18 -9.64
CA ILE D 80 33.38 16.26 -8.51
C ILE D 80 34.48 15.22 -8.71
N THR D 81 34.64 14.73 -9.94
CA THR D 81 35.68 13.74 -10.21
C THR D 81 37.07 14.34 -9.96
N LYS D 82 37.25 15.60 -10.35
CA LYS D 82 38.51 16.30 -10.10
C LYS D 82 38.79 16.43 -8.61
N ILE D 83 37.78 16.88 -7.85
CA ILE D 83 37.91 16.99 -6.40
C ILE D 83 38.32 15.65 -5.79
N LEU D 84 37.66 14.57 -6.20
CA LEU D 84 37.96 13.26 -5.62
C LEU D 84 39.37 12.78 -5.97
N SER D 85 39.79 12.98 -7.22
CA SER D 85 41.12 12.51 -7.61
C SER D 85 42.20 13.33 -6.88
N ASN D 86 42.02 14.64 -6.79
CA ASN D 86 42.99 15.50 -6.10
C ASN D 86 43.06 15.23 -4.59
N HIS D 87 41.90 15.17 -3.93
CA HIS D 87 41.83 15.06 -2.46
C HIS D 87 42.02 13.62 -1.94
N LEU D 88 41.52 12.64 -2.69
CA LEU D 88 41.54 11.23 -2.26
C LEU D 88 42.58 10.38 -3.01
N GLY D 89 43.06 10.88 -4.14
CA GLY D 89 44.05 10.17 -4.93
C GLY D 89 43.46 9.06 -5.79
N VAL D 90 42.13 9.01 -5.86
CA VAL D 90 41.46 8.01 -6.67
C VAL D 90 41.71 8.24 -8.17
N LYS D 91 41.85 7.16 -8.93
CA LYS D 91 41.90 7.27 -10.38
C LYS D 91 40.53 7.71 -10.88
N PRO D 92 40.49 8.70 -11.81
CA PRO D 92 39.22 9.08 -12.44
C PRO D 92 38.40 7.91 -13.02
N ARG D 93 39.06 6.91 -13.57
CA ARG D 93 38.35 5.75 -14.09
C ARG D 93 37.85 4.80 -12.97
N ARG D 94 38.09 5.18 -11.73
CA ARG D 94 37.47 4.48 -10.61
C ARG D 94 36.56 5.46 -9.81
N VAL D 95 35.82 6.27 -10.56
CA VAL D 95 34.81 7.18 -10.00
C VAL D 95 33.51 7.06 -10.81
N TYR D 96 32.45 6.63 -10.12
CA TYR D 96 31.09 6.58 -10.67
C TYR D 96 30.26 7.67 -9.99
N ILE D 97 29.40 8.35 -10.75
CA ILE D 97 28.46 9.33 -10.16
C ILE D 97 27.05 9.08 -10.70
N GLU D 98 26.11 8.93 -9.78
CA GLU D 98 24.70 8.75 -10.11
C GLU D 98 23.95 10.05 -9.78
N PHE D 99 23.14 10.53 -10.73
CA PHE D 99 22.33 11.75 -10.52
C PHE D 99 20.85 11.36 -10.42
N ARG D 100 20.21 11.78 -9.34
CA ARG D 100 18.82 11.42 -9.07
C ARG D 100 17.96 12.66 -8.93
N ASP D 101 16.89 12.74 -9.71
CA ASP D 101 15.91 13.81 -9.53
C ASP D 101 14.90 13.37 -8.47
N CYS D 102 14.38 14.32 -7.71
CA CYS D 102 13.35 14.03 -6.71
C CYS D 102 12.27 15.09 -6.77
N SER D 103 11.01 14.66 -6.61
CA SER D 103 9.89 15.58 -6.58
CA SER D 103 9.88 15.57 -6.57
C SER D 103 9.84 16.30 -5.24
N ALA D 104 9.43 17.57 -5.28
CA ALA D 104 9.31 18.36 -4.06
C ALA D 104 8.32 17.72 -3.08
N GLN D 105 7.27 17.10 -3.61
CA GLN D 105 6.27 16.49 -2.72
C GLN D 105 6.74 15.15 -2.12
N ASN D 106 7.88 14.67 -2.61
CA ASN D 106 8.52 13.46 -2.07
C ASN D 106 9.73 13.76 -1.20
N PHE D 107 9.81 14.98 -0.69
CA PHE D 107 10.92 15.38 0.15
C PHE D 107 10.41 16.25 1.29
N ALA D 108 10.95 16.02 2.48
CA ALA D 108 10.55 16.78 3.66
C ALA D 108 11.74 17.40 4.38
N PHE D 109 11.48 18.55 4.98
CA PHE D 109 12.47 19.30 5.74
C PHE D 109 11.77 19.85 6.96
N SER D 110 12.37 19.66 8.13
CA SER D 110 11.83 20.23 9.37
C SER D 110 10.38 19.78 9.68
N GLY D 111 10.04 18.56 9.26
CA GLY D 111 8.74 17.96 9.61
C GLY D 111 7.62 18.26 8.63
N SER D 112 7.94 18.93 7.53
CA SER D 112 6.95 19.29 6.51
C SER D 112 7.51 19.07 5.12
N LEU D 113 6.63 18.82 4.15
CA LEU D 113 7.06 18.63 2.77
C LEU D 113 7.66 19.90 2.18
N PHE D 114 8.61 19.71 1.26
CA PHE D 114 9.41 20.79 0.68
C PHE D 114 8.58 21.73 -0.21
N GLY D 115 7.61 21.17 -0.93
CA GLY D 115 6.76 21.95 -1.82
C GLY D 115 5.58 21.15 -2.34
N PRO E 1 26.89 -1.35 -13.79
CA PRO E 1 25.92 -1.61 -12.73
C PRO E 1 26.50 -1.34 -11.34
N CYS E 2 25.62 -1.12 -10.38
CA CYS E 2 26.02 -0.94 -8.97
C CYS E 2 25.19 -1.84 -8.12
N CYS E 3 25.86 -2.59 -7.25
CA CYS E 3 25.16 -3.52 -6.38
C CYS E 3 25.51 -3.23 -4.92
N GLU E 4 24.59 -2.61 -4.18
CA GLU E 4 24.79 -2.30 -2.76
C GLU E 4 24.11 -3.36 -1.91
N LEU E 5 24.92 -4.14 -1.19
CA LEU E 5 24.41 -5.09 -0.20
C LEU E 5 24.47 -4.43 1.18
N ILE E 6 23.34 -4.44 1.88
CA ILE E 6 23.30 -3.91 3.24
C ILE E 6 22.86 -5.07 4.13
N THR E 7 23.67 -5.39 5.14
CA THR E 7 23.43 -6.58 5.96
C THR E 7 23.91 -6.44 7.39
N ASN E 8 23.24 -7.14 8.31
CA ASN E 8 23.70 -7.24 9.70
C ASN E 8 24.49 -8.53 9.94
N ILE E 9 24.85 -9.21 8.86
CA ILE E 9 25.61 -10.46 8.97
C ILE E 9 27.12 -10.15 8.96
N SER E 10 27.83 -10.72 9.94
CA SER E 10 29.25 -10.46 10.16
C SER E 10 30.11 -11.62 9.65
N ILE E 11 30.96 -11.33 8.66
CA ILE E 11 31.94 -12.28 8.13
C ILE E 11 33.26 -11.54 7.85
N PRO E 12 34.39 -12.27 7.80
CA PRO E 12 35.67 -11.62 7.49
C PRO E 12 35.73 -11.04 6.08
N ASP E 13 36.63 -10.07 5.88
CA ASP E 13 36.68 -9.29 4.65
C ASP E 13 36.89 -10.13 3.39
N ASP E 14 37.76 -11.14 3.47
CA ASP E 14 38.00 -12.02 2.31
C ASP E 14 36.71 -12.74 1.89
N LYS E 15 35.94 -13.19 2.89
CA LYS E 15 34.69 -13.87 2.62
C LYS E 15 33.61 -12.90 2.11
N ALA E 16 33.60 -11.68 2.64
CA ALA E 16 32.74 -10.62 2.09
C ALA E 16 33.06 -10.40 0.60
N GLN E 17 34.34 -10.25 0.27
CA GLN E 17 34.77 -10.06 -1.13
C GLN E 17 34.34 -11.22 -2.02
N ASN E 18 34.48 -12.45 -1.52
CA ASN E 18 34.12 -13.64 -2.29
C ASN E 18 32.63 -13.63 -2.64
N ALA E 19 31.79 -13.29 -1.66
CA ALA E 19 30.35 -13.21 -1.86
C ALA E 19 30.02 -12.16 -2.92
N LEU E 20 30.63 -10.99 -2.80
CA LEU E 20 30.42 -9.91 -3.76
C LEU E 20 30.86 -10.33 -5.16
N SER E 21 32.00 -11.01 -5.26
CA SER E 21 32.52 -11.49 -6.55
C SER E 21 31.54 -12.43 -7.25
N GLU E 22 30.93 -13.34 -6.50
CA GLU E 22 29.91 -14.25 -7.05
C GLU E 22 28.68 -13.49 -7.55
N ILE E 23 28.25 -12.49 -6.78
CA ILE E 23 27.14 -11.63 -7.18
C ILE E 23 27.47 -10.86 -8.46
N GLU E 24 28.67 -10.29 -8.52
CA GLU E 24 29.15 -9.60 -9.73
C GLU E 24 29.07 -10.50 -10.96
N ASP E 25 29.45 -11.77 -10.80
CA ASP E 25 29.43 -12.71 -11.90
C ASP E 25 28.01 -12.97 -12.39
N ALA E 26 27.06 -13.10 -11.45
CA ALA E 26 25.64 -13.26 -11.77
C ALA E 26 25.11 -12.04 -12.53
N ILE E 27 25.41 -10.84 -12.02
CA ILE E 27 25.00 -9.59 -12.66
C ILE E 27 25.55 -9.49 -14.07
N SER E 28 26.84 -9.82 -14.21
CA SER E 28 27.49 -9.76 -15.51
C SER E 28 26.83 -10.68 -16.53
N ASN E 29 26.47 -11.88 -16.07
CA ASN E 29 25.83 -12.88 -16.91
CA ASN E 29 25.83 -12.87 -16.92
C ASN E 29 24.43 -12.45 -17.35
N VAL E 30 23.58 -12.07 -16.39
CA VAL E 30 22.19 -11.73 -16.69
C VAL E 30 22.06 -10.44 -17.50
N LEU E 31 22.77 -9.39 -17.08
CA LEU E 31 22.66 -8.09 -17.76
C LEU E 31 23.52 -7.98 -19.01
N GLY E 32 24.46 -8.90 -19.19
CA GLY E 32 25.34 -8.85 -20.37
C GLY E 32 26.24 -7.62 -20.31
N LYS E 33 26.76 -7.35 -19.13
CA LYS E 33 27.65 -6.21 -18.90
C LYS E 33 28.91 -6.72 -18.23
N PRO E 34 30.09 -6.22 -18.65
CA PRO E 34 31.34 -6.73 -18.08
C PRO E 34 31.53 -6.37 -16.61
N VAL E 35 32.21 -7.25 -15.88
CA VAL E 35 32.60 -6.97 -14.49
C VAL E 35 33.37 -5.64 -14.42
N ALA E 36 34.06 -5.30 -15.51
CA ALA E 36 34.79 -4.03 -15.58
C ALA E 36 33.93 -2.81 -15.23
N TYR E 37 32.62 -2.91 -15.44
CA TYR E 37 31.69 -1.79 -15.13
C TYR E 37 30.81 -2.02 -13.91
N ILE E 38 31.11 -3.04 -13.11
CA ILE E 38 30.29 -3.35 -11.96
C ILE E 38 30.95 -2.88 -10.68
N MET E 39 30.18 -2.11 -9.91
CA MET E 39 30.52 -1.75 -8.54
C MET E 39 29.72 -2.67 -7.63
N SER E 40 30.33 -3.12 -6.54
CA SER E 40 29.59 -3.85 -5.52
C SER E 40 30.10 -3.46 -4.14
N ASN E 41 29.24 -3.64 -3.14
CA ASN E 41 29.65 -3.31 -1.78
C ASN E 41 28.92 -4.18 -0.77
N TYR E 42 29.62 -4.44 0.34
CA TYR E 42 29.08 -5.17 1.48
C TYR E 42 29.08 -4.18 2.63
N ASP E 43 27.90 -3.65 2.96
CA ASP E 43 27.80 -2.65 4.01
C ASP E 43 27.27 -3.30 5.28
N TYR E 44 28.19 -3.47 6.23
CA TYR E 44 27.86 -4.09 7.51
C TYR E 44 27.16 -3.12 8.45
N GLN E 45 25.88 -3.41 8.72
CA GLN E 45 25.02 -2.53 9.48
C GLN E 45 24.40 -3.34 10.61
N LYS E 46 25.07 -3.31 11.75
CA LYS E 46 24.76 -4.23 12.85
C LYS E 46 23.38 -4.03 13.45
N ASN E 47 22.82 -2.83 13.28
CA ASN E 47 21.50 -2.48 13.82
C ASN E 47 20.36 -2.68 12.83
N LEU E 48 20.66 -3.23 11.65
CA LEU E 48 19.66 -3.48 10.62
C LEU E 48 18.53 -4.35 11.15
N ARG E 49 17.29 -3.96 10.85
CA ARG E 49 16.10 -4.67 11.29
C ARG E 49 15.22 -5.06 10.11
N PHE E 50 14.58 -6.21 10.23
CA PHE E 50 13.50 -6.60 9.31
C PHE E 50 12.48 -7.40 10.08
N SER E 51 11.20 -7.19 9.76
CA SER E 51 10.09 -7.90 10.42
C SER E 51 10.13 -7.74 11.94
N GLY E 52 10.61 -6.57 12.37
CA GLY E 52 10.68 -6.20 13.79
C GLY E 52 11.78 -6.88 14.58
N SER E 53 12.75 -7.48 13.88
CA SER E 53 13.85 -8.13 14.59
C SER E 53 15.23 -7.88 13.97
N ASN E 54 16.25 -8.12 14.80
CA ASN E 54 17.65 -7.95 14.42
CA ASN E 54 17.65 -7.98 14.40
C ASN E 54 18.25 -9.29 13.91
N GLU E 55 17.38 -10.26 13.57
CA GLU E 55 17.84 -11.52 13.00
CA GLU E 55 17.82 -11.53 12.98
C GLU E 55 18.53 -11.26 11.65
N GLY E 56 19.47 -12.14 11.30
CA GLY E 56 20.22 -12.01 10.04
C GLY E 56 19.34 -11.66 8.84
N TYR E 57 19.76 -10.64 8.10
CA TYR E 57 18.92 -10.10 7.02
C TYR E 57 19.83 -9.42 5.98
N CYS E 58 19.38 -9.45 4.72
CA CYS E 58 20.07 -8.77 3.63
C CYS E 58 19.11 -7.92 2.79
N PHE E 59 19.55 -6.69 2.50
CA PHE E 59 18.91 -5.83 1.51
C PHE E 59 19.90 -5.53 0.38
N VAL E 60 19.49 -5.76 -0.86
CA VAL E 60 20.35 -5.45 -2.01
C VAL E 60 19.67 -4.40 -2.89
N ARG E 61 20.41 -3.37 -3.28
CA ARG E 61 19.92 -2.40 -4.23
C ARG E 61 20.80 -2.49 -5.47
N LEU E 62 20.19 -2.91 -6.58
CA LEU E 62 20.90 -3.04 -7.84
C LEU E 62 20.44 -1.95 -8.80
N THR E 63 21.38 -1.11 -9.22
CA THR E 63 21.12 0.00 -10.12
C THR E 63 21.86 -0.28 -11.43
N SER E 64 21.17 -0.09 -12.54
CA SER E 64 21.79 -0.34 -13.85
C SER E 64 21.29 0.64 -14.92
N ILE E 65 22.15 0.97 -15.86
CA ILE E 65 21.71 1.68 -17.06
C ILE E 65 21.18 0.61 -18.00
N GLY E 66 19.85 0.45 -17.99
CA GLY E 66 19.17 -0.57 -18.78
C GLY E 66 19.24 -1.95 -18.15
N GLY E 67 18.51 -2.90 -18.73
CA GLY E 67 18.50 -4.27 -18.23
C GLY E 67 17.60 -4.49 -17.03
N ILE E 68 16.84 -3.46 -16.66
CA ILE E 68 15.86 -3.58 -15.57
C ILE E 68 14.51 -3.91 -16.22
N ASN E 69 14.10 -5.16 -16.06
CA ASN E 69 12.88 -5.67 -16.69
C ASN E 69 12.46 -6.94 -15.99
N ARG E 70 11.25 -7.43 -16.28
CA ARG E 70 10.73 -8.56 -15.54
C ARG E 70 11.67 -9.76 -15.59
N SER E 71 12.10 -10.12 -16.81
CA SER E 71 12.94 -11.30 -17.02
C SER E 71 14.26 -11.24 -16.24
N ASN E 72 14.98 -10.13 -16.41
CA ASN E 72 16.26 -9.97 -15.75
C ASN E 72 16.11 -9.85 -14.23
N ASN E 73 15.10 -9.10 -13.79
CA ASN E 73 14.87 -8.91 -12.36
C ASN E 73 14.58 -10.25 -11.70
N SER E 74 13.75 -11.05 -12.36
CA SER E 74 13.37 -12.34 -11.80
C SER E 74 14.57 -13.27 -11.70
N SER E 75 15.35 -13.31 -12.77
CA SER E 75 16.55 -14.14 -12.83
C SER E 75 17.54 -13.73 -11.74
N LEU E 76 17.83 -12.43 -11.64
CA LEU E 76 18.77 -11.97 -10.62
C LEU E 76 18.25 -12.11 -9.19
N ALA E 77 16.94 -11.89 -8.99
CA ALA E 77 16.34 -12.08 -7.67
C ALA E 77 16.60 -13.51 -7.21
N ASP E 78 16.42 -14.47 -8.11
CA ASP E 78 16.64 -15.86 -7.79
C ASP E 78 18.11 -16.10 -7.48
N LYS E 79 18.97 -15.68 -8.40
CA LYS E 79 20.40 -15.97 -8.32
C LYS E 79 21.07 -15.31 -7.11
N ILE E 80 20.79 -14.02 -6.89
CA ILE E 80 21.42 -13.26 -5.81
C ILE E 80 20.93 -13.77 -4.45
N THR E 81 19.64 -14.06 -4.33
CA THR E 81 19.13 -14.59 -3.06
C THR E 81 19.83 -15.90 -2.71
N LYS E 82 19.98 -16.78 -3.69
CA LYS E 82 20.69 -18.05 -3.46
C LYS E 82 22.15 -17.86 -3.05
N ILE E 83 22.84 -16.95 -3.72
CA ILE E 83 24.24 -16.64 -3.38
C ILE E 83 24.34 -16.16 -1.93
N LEU E 84 23.43 -15.26 -1.54
CA LEU E 84 23.44 -14.73 -0.18
C LEU E 84 23.17 -15.81 0.86
N SER E 85 22.19 -16.68 0.58
CA SER E 85 21.90 -17.78 1.51
C SER E 85 23.10 -18.71 1.64
N ASN E 86 23.75 -19.01 0.51
CA ASN E 86 24.91 -19.90 0.50
CA ASN E 86 24.92 -19.90 0.49
C ASN E 86 26.10 -19.34 1.28
N HIS E 87 26.42 -18.07 1.03
CA HIS E 87 27.61 -17.42 1.61
C HIS E 87 27.40 -16.79 2.96
N LEU E 88 26.19 -16.27 3.20
CA LEU E 88 25.90 -15.55 4.44
C LEU E 88 24.98 -16.29 5.39
N GLY E 89 24.38 -17.40 4.94
CA GLY E 89 23.45 -18.17 5.77
C GLY E 89 22.09 -17.52 6.04
N VAL E 90 21.82 -16.42 5.35
CA VAL E 90 20.57 -15.71 5.50
C VAL E 90 19.39 -16.55 4.98
N LYS E 91 18.25 -16.47 5.67
CA LYS E 91 17.03 -17.10 5.19
C LYS E 91 16.50 -16.35 3.96
N PRO E 92 16.06 -17.08 2.92
CA PRO E 92 15.44 -16.38 1.77
C PRO E 92 14.35 -15.38 2.19
N ARG E 93 13.61 -15.68 3.25
CA ARG E 93 12.51 -14.79 3.69
C ARG E 93 13.03 -13.61 4.51
N ARG E 94 14.35 -13.47 4.55
CA ARG E 94 14.98 -12.27 5.08
C ARG E 94 15.97 -11.69 4.06
N VAL E 95 15.57 -11.75 2.78
CA VAL E 95 16.29 -11.07 1.71
C VAL E 95 15.32 -10.24 0.86
N TYR E 96 15.59 -8.94 0.79
CA TYR E 96 14.92 -8.02 -0.12
C TYR E 96 15.92 -7.57 -1.18
N ILE E 97 15.44 -7.42 -2.42
CA ILE E 97 16.27 -6.87 -3.51
C ILE E 97 15.45 -5.83 -4.28
N GLU E 98 16.02 -4.64 -4.39
CA GLU E 98 15.41 -3.57 -5.16
C GLU E 98 16.16 -3.38 -6.47
N PHE E 99 15.41 -3.22 -7.56
CA PHE E 99 15.98 -2.99 -8.88
C PHE E 99 15.68 -1.55 -9.32
N ARG E 100 16.74 -0.85 -9.76
CA ARG E 100 16.61 0.56 -10.13
C ARG E 100 17.24 0.82 -11.49
N ASP E 101 16.47 1.43 -12.38
CA ASP E 101 16.95 1.83 -13.69
C ASP E 101 17.56 3.23 -13.57
N CYS E 102 18.53 3.55 -14.41
CA CYS E 102 19.15 4.86 -14.46
C CYS E 102 19.43 5.22 -15.90
N SER E 103 19.12 6.47 -16.25
CA SER E 103 19.44 6.98 -17.59
CA SER E 103 19.45 6.96 -17.58
C SER E 103 20.95 7.17 -17.73
N ALA E 104 21.48 6.87 -18.92
CA ALA E 104 22.90 7.08 -19.22
C ALA E 104 23.29 8.56 -19.07
N GLN E 105 22.30 9.44 -19.24
CA GLN E 105 22.53 10.87 -19.06
CA GLN E 105 22.46 10.88 -19.07
C GLN E 105 22.61 11.26 -17.60
N ASN E 106 22.11 10.40 -16.71
CA ASN E 106 22.11 10.64 -15.27
C ASN E 106 23.14 9.81 -14.53
N PHE E 107 24.20 9.46 -15.24
CA PHE E 107 25.26 8.66 -14.69
C PHE E 107 26.57 9.11 -15.34
N ALA E 108 27.62 9.19 -14.54
CA ALA E 108 28.95 9.56 -15.02
C ALA E 108 29.99 8.51 -14.67
N PHE E 109 30.92 8.32 -15.60
CA PHE E 109 32.10 7.49 -15.38
C PHE E 109 33.32 8.28 -15.85
N SER E 110 34.35 8.30 -15.00
CA SER E 110 35.64 8.92 -15.32
C SER E 110 35.49 10.40 -15.72
N GLY E 111 34.56 11.10 -15.06
CA GLY E 111 34.42 12.55 -15.23
C GLY E 111 33.53 13.00 -16.38
N SER E 112 32.96 12.04 -17.09
CA SER E 112 32.07 12.31 -18.22
C SER E 112 30.79 11.52 -18.05
N LEU E 113 29.69 12.03 -18.61
CA LEU E 113 28.44 11.27 -18.61
C LEU E 113 28.62 9.96 -19.35
N PHE E 114 27.90 8.94 -18.89
CA PHE E 114 28.06 7.60 -19.45
C PHE E 114 27.72 7.61 -20.94
N GLY E 115 26.61 8.27 -21.30
CA GLY E 115 26.19 8.46 -22.68
C GLY E 115 24.90 9.24 -22.82
N LEU E 116 24.37 9.26 -24.05
CA LEU E 116 23.06 9.89 -24.35
C LEU E 116 21.89 9.06 -23.82
N GLU E 117 20.77 9.75 -23.56
CA GLU E 117 19.56 9.10 -23.04
C GLU E 117 18.85 8.34 -24.15
N PRO F 1 8.29 -1.96 3.03
CA PRO F 1 9.12 -0.75 2.88
C PRO F 1 10.50 -0.87 3.49
N CYS F 2 11.38 0.06 3.11
CA CYS F 2 12.74 0.16 3.66
C CYS F 2 12.96 1.56 4.17
N CYS F 3 13.40 1.66 5.42
CA CYS F 3 13.61 2.96 6.04
C CYS F 3 15.06 3.07 6.50
N GLU F 4 15.82 3.86 5.76
CA GLU F 4 17.25 4.06 5.99
C GLU F 4 17.47 5.37 6.73
N LEU F 5 17.87 5.28 8.00
CA LEU F 5 18.23 6.46 8.75
C LEU F 5 19.74 6.61 8.70
N ILE F 6 20.19 7.80 8.30
CA ILE F 6 21.61 8.13 8.24
C ILE F 6 21.81 9.35 9.13
N THR F 7 22.70 9.24 10.12
CA THR F 7 22.85 10.30 11.12
C THR F 7 24.26 10.36 11.68
N ASN F 8 24.68 11.56 12.08
CA ASN F 8 25.97 11.76 12.72
C ASN F 8 25.82 11.80 14.24
N ILE F 9 24.65 11.40 14.73
CA ILE F 9 24.36 11.38 16.15
C ILE F 9 24.56 9.96 16.67
N SER F 10 25.40 9.83 17.69
CA SER F 10 25.73 8.54 18.25
C SER F 10 24.87 8.21 19.47
N ILE F 11 24.20 7.07 19.44
CA ILE F 11 23.41 6.56 20.57
C ILE F 11 23.65 5.05 20.72
N PRO F 12 23.47 4.48 21.94
CA PRO F 12 23.69 3.04 22.15
C PRO F 12 22.76 2.15 21.31
N ASP F 13 23.19 0.92 21.03
CA ASP F 13 22.41 0.00 20.20
C ASP F 13 20.96 -0.18 20.68
N ASP F 14 20.77 -0.36 21.99
CA ASP F 14 19.41 -0.57 22.51
C ASP F 14 18.50 0.64 22.25
N LYS F 15 19.05 1.84 22.36
CA LYS F 15 18.32 3.07 22.04
C LYS F 15 18.06 3.20 20.55
N ALA F 16 19.04 2.82 19.73
CA ALA F 16 18.86 2.79 18.27
C ALA F 16 17.69 1.87 17.91
N GLN F 17 17.68 0.69 18.50
CA GLN F 17 16.65 -0.33 18.26
C GLN F 17 15.26 0.19 18.63
N ASN F 18 15.16 0.86 19.78
CA ASN F 18 13.93 1.48 20.25
C ASN F 18 13.40 2.53 19.28
N ALA F 19 14.29 3.43 18.85
CA ALA F 19 13.95 4.49 17.91
C ALA F 19 13.44 3.91 16.60
N LEU F 20 14.17 2.93 16.06
CA LEU F 20 13.77 2.25 14.83
C LEU F 20 12.42 1.57 14.98
N SER F 21 12.18 0.95 16.13
CA SER F 21 10.90 0.28 16.36
C SER F 21 9.73 1.28 16.30
N GLU F 22 9.93 2.47 16.86
CA GLU F 22 8.88 3.50 16.82
C GLU F 22 8.64 4.01 15.41
N ILE F 23 9.71 4.14 14.64
CA ILE F 23 9.61 4.57 13.24
C ILE F 23 8.85 3.51 12.43
N GLU F 24 9.17 2.23 12.68
CA GLU F 24 8.46 1.13 12.02
C GLU F 24 6.96 1.21 12.31
N ASP F 25 6.63 1.50 13.57
CA ASP F 25 5.23 1.56 13.95
C ASP F 25 4.49 2.70 13.25
N ALA F 26 5.20 3.81 13.04
CA ALA F 26 4.64 4.96 12.32
C ALA F 26 4.39 4.59 10.86
N ILE F 27 5.37 3.95 10.23
CA ILE F 27 5.26 3.50 8.85
C ILE F 27 4.08 2.56 8.71
N SER F 28 3.97 1.61 9.63
CA SER F 28 2.88 0.63 9.58
C SER F 28 1.53 1.31 9.73
N ASN F 29 1.47 2.33 10.60
CA ASN F 29 0.22 3.05 10.84
C ASN F 29 -0.24 3.86 9.65
N VAL F 30 0.70 4.55 8.99
CA VAL F 30 0.35 5.48 7.93
C VAL F 30 0.14 4.73 6.59
N LEU F 31 1.07 3.84 6.26
CA LEU F 31 1.06 3.13 4.98
C LEU F 31 0.25 1.84 5.03
N GLY F 32 -0.05 1.36 6.23
CA GLY F 32 -0.78 0.09 6.39
C GLY F 32 0.07 -1.15 6.17
N LYS F 33 1.38 -0.98 5.98
CA LYS F 33 2.28 -2.10 5.73
C LYS F 33 2.54 -2.86 7.02
N PRO F 34 2.38 -4.20 7.00
CA PRO F 34 2.69 -4.96 8.21
C PRO F 34 4.15 -4.81 8.57
N VAL F 35 4.46 -4.93 9.86
CA VAL F 35 5.86 -4.92 10.31
C VAL F 35 6.68 -6.02 9.61
N ALA F 36 6.02 -7.14 9.28
CA ALA F 36 6.65 -8.21 8.48
C ALA F 36 7.31 -7.71 7.19
N TYR F 37 6.79 -6.61 6.65
CA TYR F 37 7.31 -6.05 5.39
C TYR F 37 8.34 -4.92 5.55
N ILE F 38 8.59 -4.50 6.79
CA ILE F 38 9.40 -3.30 7.01
C ILE F 38 10.83 -3.62 7.37
N MET F 39 11.74 -3.02 6.59
CA MET F 39 13.15 -2.96 6.94
C MET F 39 13.44 -1.57 7.52
N SER F 40 14.30 -1.51 8.54
CA SER F 40 14.79 -0.24 9.04
C SER F 40 16.23 -0.37 9.48
N ASN F 41 16.92 0.77 9.47
CA ASN F 41 18.32 0.79 9.86
C ASN F 41 18.75 2.13 10.42
N TYR F 42 19.68 2.07 11.36
CA TYR F 42 20.32 3.25 11.95
C TYR F 42 21.77 3.20 11.50
N ASP F 43 22.16 4.11 10.61
CA ASP F 43 23.50 4.10 10.04
C ASP F 43 24.25 5.27 10.62
N TYR F 44 25.17 4.97 11.53
CA TYR F 44 26.00 6.03 12.14
C TYR F 44 27.12 6.51 11.20
N GLN F 45 27.04 7.78 10.82
CA GLN F 45 27.94 8.38 9.85
C GLN F 45 28.50 9.66 10.44
N LYS F 46 29.65 9.52 11.11
CA LYS F 46 30.20 10.58 11.94
C LYS F 46 30.55 11.87 11.18
N ASN F 47 30.85 11.72 9.88
CA ASN F 47 31.20 12.86 9.03
C ASN F 47 30.05 13.41 8.19
N LEU F 48 28.84 12.94 8.46
CA LEU F 48 27.65 13.48 7.81
C LEU F 48 27.49 14.98 8.05
N ARG F 49 27.25 15.73 6.97
CA ARG F 49 27.14 17.18 7.02
C ARG F 49 25.83 17.67 6.46
N PHE F 50 25.34 18.79 6.98
CA PHE F 50 24.22 19.49 6.37
C PHE F 50 24.41 20.98 6.63
N SER F 51 24.01 21.79 5.65
CA SER F 51 24.13 23.25 5.71
CA SER F 51 24.12 23.24 5.75
C SER F 51 25.56 23.69 6.08
N GLY F 52 26.55 22.96 5.54
CA GLY F 52 27.95 23.29 5.72
C GLY F 52 28.64 22.88 7.01
N SER F 53 27.97 22.07 7.83
CA SER F 53 28.57 21.67 9.10
C SER F 53 28.21 20.24 9.50
N ASN F 54 28.97 19.73 10.46
CA ASN F 54 28.89 18.38 11.01
C ASN F 54 27.99 18.36 12.25
N GLU F 55 27.22 19.43 12.46
CA GLU F 55 26.27 19.52 13.57
C GLU F 55 25.22 18.41 13.46
N GLY F 56 24.67 17.99 14.59
CA GLY F 56 23.67 16.90 14.66
C GLY F 56 22.63 17.00 13.55
N TYR F 57 22.47 15.91 12.81
CA TYR F 57 21.62 15.91 11.62
C TYR F 57 21.17 14.49 11.30
N CYS F 58 19.95 14.38 10.77
CA CYS F 58 19.39 13.09 10.34
C CYS F 58 18.89 13.18 8.92
N PHE F 59 19.20 12.16 8.12
CA PHE F 59 18.60 11.98 6.80
C PHE F 59 17.92 10.63 6.76
N VAL F 60 16.66 10.61 6.35
CA VAL F 60 15.91 9.37 6.24
C VAL F 60 15.48 9.16 4.80
N ARG F 61 15.74 7.96 4.29
CA ARG F 61 15.20 7.59 2.98
C ARG F 61 14.22 6.45 3.19
N LEU F 62 12.97 6.71 2.82
CA LEU F 62 11.91 5.72 2.94
C LEU F 62 11.48 5.27 1.56
N THR F 63 11.74 4.01 1.26
CA THR F 63 11.31 3.40 0.00
C THR F 63 10.12 2.48 0.26
N SER F 64 9.10 2.56 -0.59
CA SER F 64 7.91 1.74 -0.39
C SER F 64 7.31 1.34 -1.73
N ILE F 65 6.72 0.14 -1.76
CA ILE F 65 5.95 -0.27 -2.94
C ILE F 65 4.54 0.31 -2.78
N GLY F 66 4.36 1.51 -3.33
CA GLY F 66 3.10 2.24 -3.19
C GLY F 66 2.97 2.97 -1.86
N GLY F 67 1.89 3.74 -1.71
CA GLY F 67 1.69 4.52 -0.49
C GLY F 67 2.48 5.82 -0.42
N ILE F 68 3.20 6.15 -1.49
CA ILE F 68 3.94 7.41 -1.58
C ILE F 68 3.08 8.47 -2.25
N ASN F 69 2.59 9.40 -1.45
CA ASN F 69 1.67 10.44 -1.91
C ASN F 69 1.70 11.61 -0.95
N ARG F 70 1.15 12.76 -1.34
CA ARG F 70 1.26 13.95 -0.52
C ARG F 70 0.79 13.72 0.92
N SER F 71 -0.38 13.13 1.08
CA SER F 71 -0.97 12.94 2.41
C SER F 71 -0.13 12.04 3.31
N ASN F 72 0.22 10.86 2.80
CA ASN F 72 1.05 9.91 3.55
C ASN F 72 2.44 10.48 3.86
N ASN F 73 3.08 11.08 2.85
CA ASN F 73 4.40 11.68 3.03
C ASN F 73 4.36 12.76 4.13
N SER F 74 3.33 13.59 4.10
CA SER F 74 3.24 14.68 5.05
C SER F 74 3.06 14.16 6.49
N SER F 75 2.23 13.13 6.63
CA SER F 75 1.98 12.53 7.94
C SER F 75 3.25 11.88 8.50
N LEU F 76 3.92 11.11 7.66
CA LEU F 76 5.17 10.45 8.06
C LEU F 76 6.32 11.41 8.33
N ALA F 77 6.41 12.49 7.55
CA ALA F 77 7.39 13.55 7.80
C ALA F 77 7.21 14.10 9.22
N ASP F 78 5.96 14.36 9.60
CA ASP F 78 5.66 14.84 10.95
C ASP F 78 6.04 13.81 12.01
N LYS F 79 5.51 12.59 11.88
CA LYS F 79 5.73 11.52 12.85
C LYS F 79 7.19 11.12 13.03
N ILE F 80 7.90 10.91 11.92
CA ILE F 80 9.30 10.46 11.97
C ILE F 80 10.21 11.54 12.56
N THR F 81 9.99 12.78 12.15
CA THR F 81 10.79 13.89 12.65
C THR F 81 10.63 14.06 14.16
N LYS F 82 9.41 13.88 14.66
CA LYS F 82 9.16 13.96 16.10
C LYS F 82 9.87 12.83 16.86
N ILE F 83 9.79 11.61 16.34
CA ILE F 83 10.50 10.46 16.92
C ILE F 83 12.01 10.76 16.98
N LEU F 84 12.57 11.31 15.91
CA LEU F 84 14.01 11.60 15.87
C LEU F 84 14.43 12.68 16.87
N SER F 85 13.65 13.75 16.96
N SER F 85 13.65 13.75 16.96
CA SER F 85 13.92 14.81 17.92
CA SER F 85 13.94 14.81 17.92
C SER F 85 13.85 14.26 19.34
C SER F 85 13.85 14.27 19.35
N ASN F 86 12.79 13.51 19.64
CA ASN F 86 12.62 12.87 20.94
C ASN F 86 13.77 11.94 21.34
N HIS F 87 14.13 11.02 20.46
CA HIS F 87 15.07 9.97 20.84
C HIS F 87 16.53 10.28 20.54
N LEU F 88 16.80 11.12 19.55
CA LEU F 88 18.18 11.43 19.15
C LEU F 88 18.61 12.84 19.53
N GLY F 89 17.65 13.70 19.86
CA GLY F 89 17.93 15.08 20.25
C GLY F 89 18.24 16.02 19.10
N VAL F 90 18.03 15.55 17.88
CA VAL F 90 18.22 16.37 16.69
C VAL F 90 17.17 17.48 16.61
N LYS F 91 17.59 18.65 16.12
CA LYS F 91 16.63 19.71 15.82
C LYS F 91 15.80 19.34 14.59
N PRO F 92 14.48 19.60 14.62
CA PRO F 92 13.65 19.35 13.42
C PRO F 92 14.22 19.99 12.15
N ARG F 93 14.81 21.18 12.28
CA ARG F 93 15.41 21.88 11.13
C ARG F 93 16.64 21.19 10.56
N ARG F 94 17.13 20.16 11.25
CA ARG F 94 18.22 19.34 10.72
C ARG F 94 17.76 17.89 10.48
N VAL F 95 16.52 17.77 10.00
CA VAL F 95 15.98 16.48 9.52
C VAL F 95 15.47 16.58 8.09
N TYR F 96 16.09 15.82 7.20
CA TYR F 96 15.64 15.61 5.81
C TYR F 96 15.02 14.22 5.69
N ILE F 97 13.89 14.13 5.00
CA ILE F 97 13.32 12.83 4.67
C ILE F 97 13.01 12.78 3.17
N GLU F 98 13.52 11.75 2.49
CA GLU F 98 13.17 11.48 1.09
C GLU F 98 12.23 10.28 1.00
N PHE F 99 11.18 10.42 0.18
CA PHE F 99 10.23 9.34 -0.09
C PHE F 99 10.41 8.80 -1.50
N ARG F 100 10.52 7.48 -1.62
CA ARG F 100 10.72 6.86 -2.93
C ARG F 100 9.69 5.77 -3.15
N ASP F 101 9.02 5.83 -4.31
CA ASP F 101 8.11 4.77 -4.72
C ASP F 101 8.90 3.76 -5.54
N CYS F 102 8.55 2.50 -5.40
CA CYS F 102 9.15 1.45 -6.20
C CYS F 102 8.05 0.55 -6.73
N SER F 103 8.14 0.20 -8.02
N SER F 103 8.15 0.20 -8.01
CA SER F 103 7.19 -0.72 -8.63
CA SER F 103 7.23 -0.74 -8.64
C SER F 103 7.40 -2.12 -8.07
C SER F 103 7.40 -2.11 -8.01
N ALA F 104 6.30 -2.85 -7.86
CA ALA F 104 6.36 -4.22 -7.37
C ALA F 104 7.28 -5.11 -8.22
N GLN F 105 7.23 -4.91 -9.54
CA GLN F 105 8.04 -5.67 -10.49
C GLN F 105 9.54 -5.39 -10.34
N ASN F 106 9.88 -4.29 -9.66
CA ASN F 106 11.27 -3.95 -9.40
C ASN F 106 11.70 -4.22 -7.96
N PHE F 107 11.00 -5.14 -7.30
CA PHE F 107 11.30 -5.45 -5.92
C PHE F 107 11.05 -6.92 -5.63
N ALA F 108 12.01 -7.58 -4.99
CA ALA F 108 11.92 -9.01 -4.75
C ALA F 108 12.05 -9.34 -3.27
N PHE F 109 11.42 -10.44 -2.90
CA PHE F 109 11.43 -10.96 -1.54
C PHE F 109 11.51 -12.47 -1.65
N SER F 110 12.39 -13.08 -0.85
CA SER F 110 12.53 -14.54 -0.85
C SER F 110 12.79 -15.08 -2.27
N GLY F 111 13.55 -14.31 -3.05
CA GLY F 111 13.98 -14.76 -4.37
C GLY F 111 12.98 -14.62 -5.50
N SER F 112 11.83 -13.99 -5.22
CA SER F 112 10.78 -13.79 -6.23
C SER F 112 10.30 -12.35 -6.23
N LEU F 113 9.98 -11.84 -7.41
CA LEU F 113 9.45 -10.49 -7.53
C LEU F 113 8.07 -10.39 -6.88
N PHE F 114 7.79 -9.23 -6.30
CA PHE F 114 6.43 -8.91 -5.86
C PHE F 114 5.53 -8.59 -7.05
N GLY F 115 4.22 -8.52 -6.79
CA GLY F 115 3.27 -8.03 -7.77
C GLY F 115 2.74 -9.09 -8.71
N LEU F 116 1.88 -8.68 -9.63
CA LEU F 116 1.40 -9.59 -10.65
C LEU F 116 1.62 -8.96 -12.03
N GLU F 117 2.10 -9.77 -12.96
CA GLU F 117 2.35 -9.33 -14.33
C GLU F 117 1.06 -9.35 -15.16
S SO4 G . -15.18 -17.51 -24.82
O1 SO4 G . -13.98 -16.69 -24.70
O2 SO4 G . -16.35 -16.73 -24.42
O3 SO4 G . -15.34 -17.92 -26.22
O4 SO4 G . -15.06 -18.69 -23.98
S SO4 H . 3.68 -14.24 3.15
O1 SO4 H . 4.55 -14.99 2.24
O2 SO4 H . 4.07 -12.83 3.09
O3 SO4 H . 2.30 -14.36 2.73
O4 SO4 H . 3.82 -14.70 4.52
S SO4 I . -13.08 -10.45 26.22
O1 SO4 I . -13.29 -10.67 24.78
O2 SO4 I . -12.65 -9.06 26.40
O3 SO4 I . -14.32 -10.72 26.95
O4 SO4 I . -12.03 -11.33 26.69
S SO4 J . -30.26 23.71 -1.80
O1 SO4 J . -29.57 22.96 -2.84
O2 SO4 J . -30.98 24.83 -2.44
O3 SO4 J . -31.22 22.89 -1.08
O4 SO4 J . -29.29 24.25 -0.86
C ACY K . -14.76 -6.90 21.67
O ACY K . -15.29 -7.87 22.26
OXT ACY K . -13.88 -6.16 22.18
CH3 ACY K . -15.20 -6.63 20.26
C ACY L . -32.15 -2.14 22.09
O ACY L . -33.03 -1.90 21.24
OXT ACY L . -31.05 -1.55 22.17
CH3 ACY L . -32.44 -3.22 23.10
S SO4 M . 41.27 -0.36 -12.86
O1 SO4 M . 42.19 0.61 -12.26
O2 SO4 M . 39.88 -0.04 -12.53
O3 SO4 M . 41.47 -0.39 -14.30
O4 SO4 M . 41.59 -1.68 -12.31
C ACY N . 25.48 1.99 -13.44
O ACY N . 26.27 1.33 -12.73
OXT ACY N . 25.77 2.37 -14.59
CH3 ACY N . 24.15 2.37 -12.86
S SO4 O . 17.60 26.45 18.84
O1 SO4 O . 18.97 26.17 18.44
O2 SO4 O . 17.59 27.54 19.82
O3 SO4 O . 16.80 26.88 17.69
O4 SO4 O . 17.01 25.25 19.42
C ACY P . 6.50 -10.86 3.55
O ACY P . 5.78 -11.11 2.55
OXT ACY P . 6.43 -11.44 4.66
CH3 ACY P . 7.54 -9.78 3.38
#